data_2OJE
#
_entry.id   2OJE
#
_cell.length_a   137.735
_cell.length_b   179.555
_cell.length_c   179.952
_cell.angle_alpha   90.00
_cell.angle_beta   90.00
_cell.angle_gamma   90.00
#
_symmetry.space_group_name_H-M   'I 2 2 2'
#
loop_
_entity.id
_entity.type
_entity.pdbx_description
1 polymer 'HLA class II histocompatibility antigen, DR alpha chain precursor'
2 polymer 'HLA class II histocompatibility antigen, DRB1-1 beta chain precursor'
3 polymer 'haemagglutinin peptide 306-318'
4 polymer Superantigen
5 non-polymer 'PHOSPHATE ION'
6 water water
#
loop_
_entity_poly.entity_id
_entity_poly.type
_entity_poly.pdbx_seq_one_letter_code
_entity_poly.pdbx_strand_id
1 'polypeptide(L)'
;KEEHVIIQAEFYLNPDQSGEF(MSE)FDFDGDEIFHVD(MSE)AKKETVWRLEEFGRFASFEAQGALANIAVDKANLEI
(MSE)TKRSNYTPITNVPPEVTVLTNSPVELREPNVLICFIDKFTPPVVNVTWLRNGKPVTTGVSETVFLPREDHLFRKF
HYLPFLPSTEDVYDCRVEHWGLDEPLLKHWEFD
;
A,E
2 'polypeptide(L)'
;GDTRPRFLWQLKFECHFFNGTERVRLLERCIYNQEESVRFDSDVGEYRAVTELGRPDAEYWNSQKDLLEQRRAAVDTYCR
HNYGVGESFTVQRRVEPKVTVYPSKTQPLQHHNLLVCSVSGFYPGSIEVRWFRNGQEEKAGVVSTGLIQNGDWTFQTLVM
LETVPRSGEVYTCQVEHPSVTSPLTVEWRA
;
B,F
3 'polypeptide(L)' PKYVKQNTLKLAT C,G
4 'polypeptide(L)'
;SMKLRVENPKKAQKHFVQNLNNVVFTNKELEDIYNLSNKEETKEVLKLFKLKVNQFYRHAFGIVNDYNGLLEYKEIFNMM
FLKLSVVFDTQRKEANNVEQIKRNIAILDEIMAKADNDLSYFISQNKNFQELWDKAVKLTKEMKIKLKGQKLDLRDGEVA
INKVRELFGSDKNVKELWWFRSLLVKGVYLIKRYYEGDIELKTTSDFAKAVFED
;
D,H
#
loop_
_chem_comp.id
_chem_comp.type
_chem_comp.name
_chem_comp.formula
PO4 non-polymer 'PHOSPHATE ION' 'O4 P -3'
#
# COMPACT_ATOMS: atom_id res chain seq x y z
N LYS A 1 -7.02 -2.77 54.07
CA LYS A 1 -8.37 -2.52 53.48
C LYS A 1 -8.30 -2.19 51.98
N GLU A 2 -8.58 -3.20 51.17
CA GLU A 2 -8.54 -3.09 49.71
C GLU A 2 -9.88 -2.68 49.10
N GLU A 3 -9.84 -1.84 48.06
CA GLU A 3 -11.07 -1.38 47.43
C GLU A 3 -11.37 -2.01 46.09
N HIS A 4 -10.36 -2.27 45.26
CA HIS A 4 -10.61 -2.86 43.94
C HIS A 4 -9.54 -3.82 43.49
N VAL A 5 -9.91 -4.66 42.54
CA VAL A 5 -8.96 -5.62 42.01
C VAL A 5 -9.19 -5.83 40.53
N ILE A 6 -8.16 -5.58 39.74
CA ILE A 6 -8.26 -5.79 38.30
C ILE A 6 -7.33 -6.96 38.00
N ILE A 7 -7.89 -8.03 37.45
CA ILE A 7 -7.12 -9.22 37.16
C ILE A 7 -7.02 -9.54 35.68
N GLN A 8 -5.80 -9.79 35.23
CA GLN A 8 -5.58 -10.18 33.85
C GLN A 8 -5.34 -11.67 34.00
N ALA A 9 -6.28 -12.48 33.53
CA ALA A 9 -6.10 -13.90 33.65
C ALA A 9 -6.14 -14.62 32.32
N GLU A 10 -5.23 -15.56 32.14
CA GLU A 10 -5.20 -16.32 30.92
C GLU A 10 -4.85 -17.76 31.23
N PHE A 11 -5.28 -18.67 30.39
CA PHE A 11 -4.98 -20.07 30.60
C PHE A 11 -4.88 -20.84 29.31
N TYR A 12 -4.18 -21.97 29.35
CA TYR A 12 -4.06 -22.84 28.20
C TYR A 12 -4.23 -24.27 28.71
N LEU A 13 -5.12 -25.03 28.07
CA LEU A 13 -5.41 -26.40 28.49
C LEU A 13 -5.16 -27.50 27.46
N ASN A 14 -4.42 -28.54 27.86
CA ASN A 14 -4.14 -29.68 26.98
C ASN A 14 -4.92 -30.90 27.43
N PRO A 15 -5.25 -31.82 26.50
CA PRO A 15 -4.97 -31.82 25.05
C PRO A 15 -5.99 -31.05 24.24
N ASP A 16 -6.91 -30.38 24.90
CA ASP A 16 -7.94 -29.63 24.21
C ASP A 16 -7.43 -28.51 23.32
N GLN A 17 -6.28 -27.95 23.67
CA GLN A 17 -5.71 -26.85 22.90
C GLN A 17 -6.66 -25.66 22.96
N SER A 18 -7.15 -25.35 24.15
CA SER A 18 -8.03 -24.22 24.31
C SER A 18 -7.41 -23.20 25.29
N GLY A 19 -7.46 -21.93 24.90
CA GLY A 19 -6.88 -20.89 25.73
C GLY A 19 -7.88 -19.79 26.01
N GLU A 20 -7.50 -18.87 26.89
CA GLU A 20 -8.36 -17.75 27.24
C GLU A 20 -7.57 -16.55 27.72
N PHE A 21 -7.99 -15.36 27.31
CA PHE A 21 -7.32 -14.15 27.72
C PHE A 21 -8.44 -13.24 28.16
N MSE A 22 -8.42 -12.82 29.42
CA MSE A 22 -9.49 -12.00 29.93
C MSE A 22 -9.10 -11.00 31.00
O MSE A 22 -8.11 -11.19 31.71
CB MSE A 22 -10.58 -12.92 30.47
CG MSE A 22 -11.58 -12.23 31.37
SE MSE A 22 -11.39 -12.66 33.27
CE MSE A 22 -9.51 -13.04 33.30
N PHE A 23 -9.86 -9.92 31.11
CA PHE A 23 -9.63 -8.93 32.15
C PHE A 23 -10.83 -8.96 33.07
N ASP A 24 -10.56 -8.94 34.37
CA ASP A 24 -11.58 -9.06 35.39
C ASP A 24 -11.56 -7.90 36.37
N PHE A 25 -12.73 -7.32 36.63
CA PHE A 25 -12.83 -6.20 37.56
C PHE A 25 -13.80 -6.49 38.71
N ASP A 26 -13.25 -6.59 39.90
CA ASP A 26 -14.05 -6.86 41.09
C ASP A 26 -14.96 -8.05 40.88
N GLY A 27 -14.49 -9.04 40.14
CA GLY A 27 -15.30 -10.22 39.93
C GLY A 27 -16.02 -10.33 38.61
N ASP A 28 -16.31 -9.19 37.99
CA ASP A 28 -17.00 -9.17 36.70
C ASP A 28 -16.05 -9.02 35.53
N GLU A 29 -16.38 -9.65 34.41
CA GLU A 29 -15.56 -9.60 33.21
C GLU A 29 -15.67 -8.25 32.52
N ILE A 30 -14.52 -7.68 32.14
CA ILE A 30 -14.51 -6.40 31.44
C ILE A 30 -14.59 -6.75 29.96
N PHE A 31 -13.74 -7.70 29.58
CA PHE A 31 -13.68 -8.16 28.19
C PHE A 31 -12.80 -9.41 28.13
N HIS A 32 -12.72 -10.00 26.94
CA HIS A 32 -11.87 -11.16 26.73
C HIS A 32 -11.59 -11.17 25.23
N VAL A 33 -10.60 -11.93 24.81
CA VAL A 33 -10.25 -12.00 23.40
C VAL A 33 -10.65 -13.36 22.88
N ASP A 34 -11.51 -13.36 21.86
CA ASP A 34 -11.95 -14.58 21.23
C ASP A 34 -10.71 -15.09 20.52
N MSE A 35 -10.23 -16.26 20.89
CA MSE A 35 -9.03 -16.80 20.27
C MSE A 35 -9.16 -17.13 18.79
O MSE A 35 -8.27 -16.80 17.99
CB MSE A 35 -8.52 -18.03 21.04
CG MSE A 35 -7.86 -17.71 22.40
SE MSE A 35 -6.65 -16.14 22.38
CE MSE A 35 -5.54 -16.61 20.86
N ALA A 36 -10.26 -17.76 18.41
CA ALA A 36 -10.51 -18.13 17.02
C ALA A 36 -10.48 -16.94 16.07
N LYS A 37 -11.22 -15.90 16.42
CA LYS A 37 -11.30 -14.69 15.59
C LYS A 37 -10.21 -13.67 15.93
N LYS A 38 -9.55 -13.89 17.07
CA LYS A 38 -8.50 -12.99 17.54
C LYS A 38 -9.03 -11.55 17.60
N GLU A 39 -10.01 -11.30 18.45
CA GLU A 39 -10.57 -9.97 18.58
C GLU A 39 -11.22 -9.73 19.94
N THR A 40 -11.07 -8.51 20.44
CA THR A 40 -11.62 -8.11 21.74
C THR A 40 -13.13 -8.09 21.76
N VAL A 41 -13.72 -8.70 22.77
CA VAL A 41 -15.18 -8.67 22.91
C VAL A 41 -15.45 -8.24 24.35
N TRP A 42 -16.21 -7.16 24.50
CA TRP A 42 -16.51 -6.61 25.82
C TRP A 42 -17.72 -7.25 26.43
N ARG A 43 -17.76 -7.29 27.77
CA ARG A 43 -18.87 -7.91 28.47
C ARG A 43 -20.17 -7.09 28.32
N LEU A 44 -20.02 -5.80 28.03
CA LEU A 44 -21.17 -4.92 27.83
C LEU A 44 -20.78 -3.98 26.68
N GLU A 45 -21.53 -3.99 25.58
CA GLU A 45 -21.20 -3.16 24.41
C GLU A 45 -20.72 -1.76 24.78
N GLU A 46 -21.40 -1.17 25.75
CA GLU A 46 -21.08 0.17 26.23
C GLU A 46 -19.57 0.31 26.49
N PHE A 47 -18.96 -0.70 27.11
CA PHE A 47 -17.54 -0.70 27.44
C PHE A 47 -16.65 -0.38 26.24
N GLY A 48 -17.00 -0.93 25.07
CA GLY A 48 -16.20 -0.70 23.87
C GLY A 48 -16.20 0.72 23.36
N ARG A 49 -17.22 1.48 23.76
CA ARG A 49 -17.34 2.87 23.35
C ARG A 49 -16.52 3.79 24.24
N PHE A 50 -15.66 3.23 25.10
CA PHE A 50 -14.87 4.05 26.00
C PHE A 50 -13.45 3.53 26.19
N ALA A 51 -13.20 2.32 25.73
CA ALA A 51 -11.89 1.73 25.89
C ALA A 51 -11.60 0.76 24.76
N SER A 52 -10.34 0.35 24.66
CA SER A 52 -9.94 -0.58 23.62
C SER A 52 -8.83 -1.47 24.12
N PHE A 53 -8.49 -2.46 23.30
CA PHE A 53 -7.42 -3.40 23.60
C PHE A 53 -6.94 -4.05 22.31
N GLU A 54 -5.63 -4.21 22.16
CA GLU A 54 -5.05 -4.84 20.98
C GLU A 54 -5.14 -6.35 21.11
N ALA A 55 -6.12 -6.96 20.44
CA ALA A 55 -6.29 -8.40 20.53
C ALA A 55 -5.00 -9.12 20.21
N GLN A 56 -4.22 -8.54 19.31
CA GLN A 56 -2.95 -9.13 18.90
C GLN A 56 -2.03 -9.41 20.08
N GLY A 57 -2.11 -8.56 21.11
CA GLY A 57 -1.28 -8.76 22.30
C GLY A 57 -1.63 -10.04 23.05
N ALA A 58 -2.92 -10.36 23.09
CA ALA A 58 -3.40 -11.55 23.75
C ALA A 58 -2.84 -12.76 23.01
N LEU A 59 -2.88 -12.69 21.68
CA LEU A 59 -2.38 -13.78 20.87
C LEU A 59 -0.95 -14.11 21.26
N ALA A 60 -0.15 -13.07 21.44
CA ALA A 60 1.25 -13.22 21.82
C ALA A 60 1.38 -13.96 23.14
N ASN A 61 0.61 -13.52 24.13
CA ASN A 61 0.61 -14.12 25.45
C ASN A 61 0.16 -15.57 25.44
N ILE A 62 -0.97 -15.86 24.79
CA ILE A 62 -1.48 -17.23 24.73
C ILE A 62 -0.49 -18.11 23.97
N ALA A 63 0.26 -17.52 23.03
CA ALA A 63 1.26 -18.25 22.24
C ALA A 63 2.36 -18.80 23.16
N VAL A 64 2.84 -17.93 24.05
CA VAL A 64 3.90 -18.28 25.00
C VAL A 64 3.35 -19.26 26.03
N ASP A 65 2.15 -18.97 26.52
CA ASP A 65 1.47 -19.80 27.51
C ASP A 65 1.46 -21.25 27.07
N LYS A 66 1.10 -21.47 25.81
CA LYS A 66 1.07 -22.81 25.24
C LYS A 66 2.43 -23.47 25.41
N ALA A 67 3.48 -22.80 24.95
CA ALA A 67 4.83 -23.32 25.07
C ALA A 67 5.19 -23.64 26.53
N ASN A 68 4.76 -22.78 27.45
CA ASN A 68 5.02 -23.00 28.86
C ASN A 68 4.30 -24.25 29.35
N LEU A 69 3.05 -24.40 28.95
CA LEU A 69 2.26 -25.56 29.40
C LEU A 69 3.01 -26.86 29.12
N GLU A 70 3.66 -26.93 27.96
CA GLU A 70 4.42 -28.11 27.59
C GLU A 70 5.59 -28.28 28.52
N ILE A 71 6.32 -27.19 28.70
CA ILE A 71 7.48 -27.17 29.58
C ILE A 71 7.09 -27.64 30.98
N MSE A 72 6.03 -27.09 31.54
CA MSE A 72 5.60 -27.48 32.89
C MSE A 72 5.11 -28.92 32.98
O MSE A 72 5.46 -29.64 33.92
CB MSE A 72 4.49 -26.55 33.40
CG MSE A 72 4.96 -25.48 34.37
SE MSE A 72 5.96 -26.18 35.88
CE MSE A 72 6.28 -24.52 36.86
N THR A 73 4.29 -29.34 32.03
CA THR A 73 3.77 -30.69 32.05
C THR A 73 4.92 -31.68 32.19
N LYS A 74 5.94 -31.49 31.36
CA LYS A 74 7.11 -32.36 31.36
C LYS A 74 7.83 -32.23 32.69
N ARG A 75 8.22 -31.01 33.04
CA ARG A 75 8.93 -30.77 34.29
C ARG A 75 8.20 -31.37 35.50
N SER A 76 6.89 -31.50 35.40
CA SER A 76 6.11 -32.06 36.51
C SER A 76 5.98 -33.57 36.31
N ASN A 77 6.69 -34.10 35.33
CA ASN A 77 6.64 -35.52 35.06
C ASN A 77 5.22 -35.93 34.69
N TYR A 78 4.60 -35.13 33.83
CA TYR A 78 3.25 -35.38 33.35
C TYR A 78 2.17 -35.59 34.39
N THR A 79 2.15 -34.74 35.41
CA THR A 79 1.13 -34.84 36.44
C THR A 79 -0.13 -34.16 35.93
N PRO A 80 -1.23 -34.92 35.78
CA PRO A 80 -2.50 -34.40 35.30
C PRO A 80 -3.28 -33.68 36.40
N ILE A 81 -4.17 -32.77 35.99
CA ILE A 81 -4.96 -32.01 36.96
C ILE A 81 -6.05 -32.90 37.58
N THR A 82 -6.42 -32.62 38.84
CA THR A 82 -7.47 -33.38 39.52
C THR A 82 -8.82 -32.72 39.30
N ASN A 83 -9.71 -33.42 38.59
CA ASN A 83 -11.05 -32.90 38.32
C ASN A 83 -11.76 -32.46 39.61
N VAL A 84 -12.40 -31.30 39.57
CA VAL A 84 -13.17 -30.82 40.72
C VAL A 84 -14.51 -30.42 40.12
N PRO A 85 -15.53 -31.24 40.36
CA PRO A 85 -16.89 -31.04 39.88
C PRO A 85 -17.51 -29.67 40.25
N PRO A 86 -18.30 -29.10 39.34
CA PRO A 86 -18.94 -27.80 39.59
C PRO A 86 -20.15 -27.89 40.52
N GLU A 87 -20.48 -26.75 41.13
CA GLU A 87 -21.65 -26.65 41.99
C GLU A 87 -22.64 -25.86 41.15
N VAL A 88 -23.68 -26.53 40.66
CA VAL A 88 -24.65 -25.82 39.84
C VAL A 88 -25.85 -25.31 40.59
N THR A 89 -26.34 -24.15 40.17
CA THR A 89 -27.49 -23.54 40.80
C THR A 89 -28.24 -22.71 39.74
N VAL A 90 -29.55 -22.56 39.92
CA VAL A 90 -30.34 -21.81 38.94
C VAL A 90 -31.34 -20.88 39.57
N LEU A 91 -31.30 -19.62 39.19
CA LEU A 91 -32.28 -18.67 39.70
C LEU A 91 -32.65 -17.65 38.66
N THR A 92 -33.64 -16.83 38.97
CA THR A 92 -34.07 -15.84 38.00
C THR A 92 -33.38 -14.53 38.24
N ASN A 93 -33.50 -13.68 37.22
CA ASN A 93 -32.93 -12.33 37.18
C ASN A 93 -33.55 -11.45 38.24
N SER A 94 -34.87 -11.50 38.31
CA SER A 94 -35.69 -10.74 39.24
C SER A 94 -36.93 -11.59 39.52
N PRO A 95 -37.76 -11.20 40.53
CA PRO A 95 -38.95 -11.99 40.83
C PRO A 95 -39.81 -12.29 39.60
N VAL A 96 -40.27 -13.54 39.51
CA VAL A 96 -41.07 -13.95 38.35
C VAL A 96 -42.52 -13.54 38.43
N GLU A 97 -43.06 -13.19 37.27
CA GLU A 97 -44.45 -12.77 37.16
C GLU A 97 -44.96 -13.30 35.80
N LEU A 98 -46.12 -13.95 35.82
CA LEU A 98 -46.72 -14.53 34.61
C LEU A 98 -46.57 -13.66 33.36
N ARG A 99 -46.03 -14.24 32.29
CA ARG A 99 -45.89 -13.52 31.02
C ARG A 99 -44.99 -12.28 30.98
N GLU A 100 -44.32 -11.97 32.07
CA GLU A 100 -43.45 -10.80 32.08
C GLU A 100 -42.02 -11.21 31.85
N PRO A 101 -41.43 -10.77 30.72
CA PRO A 101 -40.05 -11.10 30.38
C PRO A 101 -39.14 -11.19 31.61
N ASN A 102 -38.30 -12.23 31.64
CA ASN A 102 -37.37 -12.46 32.75
C ASN A 102 -36.18 -13.26 32.21
N VAL A 103 -35.20 -13.53 33.07
CA VAL A 103 -34.03 -14.31 32.66
C VAL A 103 -33.67 -15.39 33.66
N LEU A 104 -33.28 -16.55 33.15
CA LEU A 104 -32.85 -17.66 33.99
C LEU A 104 -31.31 -17.64 34.02
N ILE A 105 -30.74 -17.76 35.21
CA ILE A 105 -29.29 -17.77 35.35
C ILE A 105 -28.78 -19.09 35.94
N CYS A 106 -27.87 -19.74 35.21
CA CYS A 106 -27.27 -20.98 35.66
C CYS A 106 -25.86 -20.69 36.13
N PHE A 107 -25.64 -20.79 37.44
CA PHE A 107 -24.32 -20.55 38.02
C PHE A 107 -23.57 -21.86 38.16
N ILE A 108 -22.48 -21.99 37.43
CA ILE A 108 -21.64 -23.18 37.49
C ILE A 108 -20.40 -22.70 38.23
N ASP A 109 -20.24 -23.14 39.48
CA ASP A 109 -19.12 -22.69 40.32
C ASP A 109 -18.16 -23.75 40.86
N LYS A 110 -16.98 -23.30 41.28
CA LYS A 110 -15.90 -24.11 41.88
C LYS A 110 -15.53 -25.38 41.15
N PHE A 111 -15.00 -25.23 39.95
CA PHE A 111 -14.63 -26.42 39.20
C PHE A 111 -13.38 -26.23 38.38
N THR A 112 -12.95 -27.35 37.80
CA THR A 112 -11.76 -27.41 36.96
C THR A 112 -11.62 -28.85 36.49
N PRO A 113 -11.01 -29.07 35.31
CA PRO A 113 -10.47 -28.03 34.44
C PRO A 113 -11.56 -27.18 33.77
N PRO A 114 -11.17 -26.07 33.12
CA PRO A 114 -12.12 -25.18 32.46
C PRO A 114 -12.76 -25.76 31.19
N VAL A 115 -13.46 -26.88 31.36
CA VAL A 115 -14.17 -27.51 30.25
C VAL A 115 -15.49 -27.99 30.79
N VAL A 116 -16.60 -27.54 30.21
CA VAL A 116 -17.91 -27.94 30.69
C VAL A 116 -19.00 -27.80 29.64
N ASN A 117 -19.85 -28.82 29.52
CA ASN A 117 -20.95 -28.81 28.57
C ASN A 117 -22.27 -28.43 29.24
N VAL A 118 -22.88 -27.35 28.75
CA VAL A 118 -24.13 -26.88 29.33
C VAL A 118 -25.27 -26.91 28.32
N THR A 119 -26.45 -27.31 28.78
CA THR A 119 -27.61 -27.38 27.93
C THR A 119 -28.87 -26.93 28.68
N TRP A 120 -29.66 -26.08 28.03
CA TRP A 120 -30.92 -25.60 28.61
C TRP A 120 -32.06 -26.49 28.12
N LEU A 121 -32.97 -26.84 29.01
CA LEU A 121 -34.09 -27.67 28.61
C LEU A 121 -35.42 -27.10 29.10
N ARG A 122 -36.44 -27.19 28.26
CA ARG A 122 -37.79 -26.72 28.58
C ARG A 122 -38.70 -27.92 28.29
N ASN A 123 -39.23 -28.50 29.37
CA ASN A 123 -40.10 -29.68 29.28
C ASN A 123 -39.43 -30.78 28.46
N GLY A 124 -38.12 -30.93 28.63
CA GLY A 124 -37.40 -31.96 27.93
C GLY A 124 -36.84 -31.57 26.59
N LYS A 125 -37.18 -30.38 26.10
CA LYS A 125 -36.68 -29.97 24.80
C LYS A 125 -35.54 -28.96 24.94
N PRO A 126 -34.41 -29.23 24.28
CA PRO A 126 -33.28 -28.32 24.36
C PRO A 126 -33.62 -26.95 23.76
N VAL A 127 -33.42 -25.89 24.54
CA VAL A 127 -33.70 -24.53 24.08
C VAL A 127 -32.40 -23.83 23.70
N THR A 128 -32.49 -22.90 22.75
CA THR A 128 -31.31 -22.19 22.30
C THR A 128 -31.55 -20.72 22.05
N THR A 129 -32.42 -20.41 21.11
CA THR A 129 -32.69 -19.02 20.79
C THR A 129 -32.75 -18.19 22.07
N GLY A 130 -31.90 -17.17 22.13
CA GLY A 130 -31.87 -16.29 23.28
C GLY A 130 -30.72 -16.51 24.24
N VAL A 131 -30.23 -17.75 24.34
CA VAL A 131 -29.14 -18.09 25.26
C VAL A 131 -27.85 -17.35 25.02
N SER A 132 -27.04 -17.28 26.07
CA SER A 132 -25.76 -16.61 26.06
C SER A 132 -24.98 -17.14 27.24
N GLU A 133 -23.69 -16.79 27.32
CA GLU A 133 -22.87 -17.28 28.41
C GLU A 133 -21.58 -16.50 28.55
N THR A 134 -21.05 -16.45 29.76
CA THR A 134 -19.80 -15.75 29.99
C THR A 134 -18.66 -16.76 29.78
N VAL A 135 -17.47 -16.25 29.50
CA VAL A 135 -16.30 -17.11 29.32
C VAL A 135 -15.93 -17.64 30.71
N PHE A 136 -14.88 -18.45 30.82
CA PHE A 136 -14.49 -18.99 32.14
C PHE A 136 -13.90 -17.93 33.06
N LEU A 137 -14.60 -17.61 34.15
CA LEU A 137 -14.09 -16.62 35.08
C LEU A 137 -13.20 -17.28 36.14
N PRO A 138 -12.10 -16.60 36.51
CA PRO A 138 -11.14 -17.10 37.50
C PRO A 138 -11.60 -16.91 38.95
N ARG A 139 -11.15 -17.83 39.82
CA ARG A 139 -11.47 -17.78 41.25
C ARG A 139 -10.13 -17.71 42.01
N GLU A 140 -10.15 -17.13 43.20
CA GLU A 140 -8.92 -17.01 43.97
C GLU A 140 -8.32 -18.33 44.39
N ASP A 141 -9.10 -19.40 44.32
CA ASP A 141 -8.57 -20.72 44.67
C ASP A 141 -8.10 -21.45 43.42
N HIS A 142 -8.06 -20.70 42.32
CA HIS A 142 -7.61 -21.21 41.04
C HIS A 142 -8.55 -22.20 40.37
N LEU A 143 -9.83 -22.10 40.69
CA LEU A 143 -10.85 -22.94 40.08
C LEU A 143 -11.62 -21.95 39.20
N PHE A 144 -12.77 -22.33 38.64
CA PHE A 144 -13.49 -21.38 37.78
C PHE A 144 -14.99 -21.22 38.03
N ARG A 145 -15.52 -20.13 37.50
CA ARG A 145 -16.94 -19.83 37.57
C ARG A 145 -17.38 -19.61 36.13
N LYS A 146 -18.66 -19.81 35.86
CA LYS A 146 -19.18 -19.61 34.52
C LYS A 146 -20.67 -19.40 34.68
N PHE A 147 -21.23 -18.56 33.83
CA PHE A 147 -22.66 -18.28 33.87
C PHE A 147 -23.26 -18.51 32.49
N HIS A 148 -24.47 -19.03 32.46
CA HIS A 148 -25.20 -19.28 31.22
C HIS A 148 -26.54 -18.59 31.44
N TYR A 149 -27.10 -18.01 30.39
CA TYR A 149 -28.37 -17.30 30.52
C TYR A 149 -29.43 -17.77 29.51
N LEU A 150 -30.69 -17.70 29.92
CA LEU A 150 -31.81 -18.07 29.07
C LEU A 150 -32.95 -17.10 29.33
N PRO A 151 -33.17 -16.17 28.41
CA PRO A 151 -34.27 -15.22 28.60
C PRO A 151 -35.54 -16.04 28.41
N PHE A 152 -36.60 -15.75 29.16
CA PHE A 152 -37.83 -16.51 29.02
C PHE A 152 -39.08 -15.79 29.46
N LEU A 153 -40.21 -16.35 29.06
CA LEU A 153 -41.52 -15.82 29.43
C LEU A 153 -42.16 -16.78 30.43
N PRO A 154 -42.21 -16.36 31.70
CA PRO A 154 -42.80 -17.17 32.76
C PRO A 154 -44.16 -17.74 32.37
N SER A 155 -44.46 -18.93 32.87
CA SER A 155 -45.73 -19.59 32.58
C SER A 155 -45.97 -20.75 33.52
N THR A 156 -47.22 -20.92 33.94
CA THR A 156 -47.59 -21.99 34.85
C THR A 156 -47.59 -23.38 34.23
N GLU A 157 -46.91 -23.54 33.08
CA GLU A 157 -46.89 -24.86 32.45
C GLU A 157 -45.56 -25.22 31.79
N ASP A 158 -44.46 -24.77 32.39
CA ASP A 158 -43.12 -25.06 31.89
C ASP A 158 -42.20 -25.44 33.02
N VAL A 159 -41.32 -26.38 32.76
CA VAL A 159 -40.35 -26.80 33.74
C VAL A 159 -39.03 -26.75 33.00
N TYR A 160 -38.13 -25.86 33.44
CA TYR A 160 -36.83 -25.77 32.80
C TYR A 160 -35.82 -26.41 33.72
N ASP A 161 -34.65 -26.68 33.16
CA ASP A 161 -33.54 -27.22 33.92
C ASP A 161 -32.24 -27.01 33.14
N CYS A 162 -31.20 -26.70 33.89
CA CYS A 162 -29.87 -26.46 33.34
C CYS A 162 -29.11 -27.77 33.50
N ARG A 163 -28.63 -28.35 32.40
CA ARG A 163 -27.86 -29.59 32.49
C ARG A 163 -26.38 -29.31 32.34
N VAL A 164 -25.62 -29.68 33.36
CA VAL A 164 -24.18 -29.44 33.36
C VAL A 164 -23.39 -30.74 33.33
N GLU A 165 -22.48 -30.86 32.38
CA GLU A 165 -21.65 -32.05 32.29
C GLU A 165 -20.19 -31.66 32.49
N HIS A 166 -19.52 -32.36 33.41
CA HIS A 166 -18.13 -32.09 33.70
C HIS A 166 -17.43 -33.37 34.14
N TRP A 167 -16.16 -33.52 33.80
CA TRP A 167 -15.43 -34.73 34.16
C TRP A 167 -15.46 -35.09 35.65
N GLY A 168 -15.54 -34.08 36.50
CA GLY A 168 -15.57 -34.35 37.92
C GLY A 168 -16.90 -34.89 38.40
N LEU A 169 -17.83 -35.11 37.47
CA LEU A 169 -19.15 -35.61 37.82
C LEU A 169 -19.36 -37.05 37.38
N ASP A 170 -20.15 -37.79 38.14
CA ASP A 170 -20.44 -39.17 37.82
C ASP A 170 -21.45 -39.22 36.68
N GLU A 171 -22.50 -38.42 36.82
CA GLU A 171 -23.55 -38.34 35.81
C GLU A 171 -23.88 -36.88 35.59
N PRO A 172 -24.49 -36.55 34.44
CA PRO A 172 -24.86 -35.17 34.14
C PRO A 172 -25.66 -34.58 35.29
N LEU A 173 -25.24 -33.42 35.78
CA LEU A 173 -25.95 -32.75 36.86
C LEU A 173 -27.12 -32.02 36.21
N LEU A 174 -28.30 -32.13 36.80
CA LEU A 174 -29.47 -31.52 36.22
C LEU A 174 -30.32 -30.72 37.23
N LYS A 175 -30.07 -29.40 37.28
CA LYS A 175 -30.81 -28.54 38.20
C LYS A 175 -32.08 -28.06 37.55
N HIS A 176 -33.17 -28.21 38.31
CA HIS A 176 -34.52 -27.90 37.91
C HIS A 176 -34.99 -26.48 38.26
N TRP A 177 -36.01 -26.02 37.54
CA TRP A 177 -36.61 -24.72 37.80
C TRP A 177 -37.98 -24.68 37.15
N GLU A 178 -38.96 -24.13 37.86
CA GLU A 178 -40.33 -24.00 37.38
C GLU A 178 -41.14 -23.17 38.36
N PHE A 179 -40.78 -21.89 38.51
CA PHE A 179 -41.42 -20.95 39.45
C PHE A 179 -41.50 -21.57 40.85
N ASP A 180 -41.68 -22.89 40.90
CA ASP A 180 -41.72 -23.64 42.15
C ASP A 180 -42.99 -23.31 42.92
N GLY B 1 -16.98 -39.11 28.47
CA GLY B 1 -16.61 -39.69 27.14
C GLY B 1 -15.12 -39.60 26.88
N ASP B 2 -14.56 -38.43 27.12
CA ASP B 2 -13.13 -38.22 26.93
C ASP B 2 -12.47 -38.59 28.25
N THR B 3 -11.63 -39.62 28.24
CA THR B 3 -10.98 -40.03 29.48
C THR B 3 -9.49 -39.66 29.54
N ARG B 4 -9.07 -38.80 28.63
CA ARG B 4 -7.68 -38.36 28.59
C ARG B 4 -7.34 -37.38 29.71
N PRO B 5 -6.12 -37.46 30.26
CA PRO B 5 -5.69 -36.57 31.33
C PRO B 5 -5.49 -35.17 30.76
N ARG B 6 -5.79 -34.15 31.54
CA ARG B 6 -5.62 -32.77 31.08
C ARG B 6 -4.53 -32.11 31.88
N PHE B 7 -3.91 -31.10 31.28
CA PHE B 7 -2.85 -30.34 31.91
C PHE B 7 -3.20 -28.87 31.69
N LEU B 8 -3.21 -28.12 32.79
CA LEU B 8 -3.59 -26.71 32.74
C LEU B 8 -2.50 -25.74 33.16
N TRP B 9 -2.37 -24.64 32.41
CA TRP B 9 -1.41 -23.60 32.75
C TRP B 9 -2.15 -22.27 32.84
N GLN B 10 -2.07 -21.65 34.01
CA GLN B 10 -2.73 -20.37 34.22
C GLN B 10 -1.72 -19.32 34.65
N LEU B 11 -1.99 -18.10 34.24
CA LEU B 11 -1.15 -16.96 34.56
C LEU B 11 -2.14 -15.86 34.91
N LYS B 12 -1.93 -15.26 36.08
CA LYS B 12 -2.82 -14.18 36.53
C LYS B 12 -2.01 -12.99 37.02
N PHE B 13 -2.42 -11.80 36.60
CA PHE B 13 -1.77 -10.57 37.03
C PHE B 13 -2.83 -9.81 37.81
N GLU B 14 -2.69 -9.77 39.14
CA GLU B 14 -3.66 -9.08 39.98
C GLU B 14 -3.20 -7.70 40.43
N CYS B 15 -4.04 -6.69 40.20
CA CYS B 15 -3.75 -5.33 40.64
C CYS B 15 -4.68 -5.02 41.81
N HIS B 16 -4.09 -4.73 42.96
CA HIS B 16 -4.87 -4.42 44.16
C HIS B 16 -4.75 -2.94 44.46
N PHE B 17 -5.90 -2.28 44.59
CA PHE B 17 -5.96 -0.83 44.84
C PHE B 17 -6.57 -0.47 46.19
N PHE B 18 -5.99 0.51 46.89
CA PHE B 18 -6.49 0.94 48.19
C PHE B 18 -6.57 2.47 48.22
N ASN B 19 -7.69 3.00 48.69
CA ASN B 19 -7.86 4.45 48.75
C ASN B 19 -7.62 5.04 47.36
N GLY B 20 -8.49 4.74 46.40
CA GLY B 20 -8.28 5.25 45.06
C GLY B 20 -7.09 4.46 44.48
N THR B 21 -6.01 5.16 44.18
CA THR B 21 -4.82 4.50 43.66
C THR B 21 -3.64 4.91 44.51
N GLU B 22 -3.93 5.35 45.73
CA GLU B 22 -2.90 5.77 46.68
C GLU B 22 -1.89 4.65 46.85
N ARG B 23 -2.40 3.47 47.19
CA ARG B 23 -1.58 2.30 47.43
C ARG B 23 -1.96 1.20 46.45
N VAL B 24 -0.98 0.72 45.68
CA VAL B 24 -1.21 -0.34 44.71
C VAL B 24 -0.22 -1.47 44.91
N ARG B 25 -0.72 -2.69 44.73
CA ARG B 25 0.11 -3.88 44.85
C ARG B 25 -0.17 -4.84 43.71
N LEU B 26 0.90 -5.27 43.02
CA LEU B 26 0.76 -6.19 41.91
C LEU B 26 1.16 -7.59 42.30
N LEU B 27 0.33 -8.56 41.93
CA LEU B 27 0.59 -9.95 42.24
C LEU B 27 0.56 -10.76 40.96
N GLU B 28 1.72 -11.18 40.48
CA GLU B 28 1.81 -11.96 39.27
C GLU B 28 2.04 -13.41 39.64
N ARG B 29 1.08 -14.30 39.37
CA ARG B 29 1.33 -15.69 39.71
C ARG B 29 1.09 -16.71 38.62
N CYS B 30 1.93 -17.73 38.64
CA CYS B 30 1.87 -18.82 37.68
C CYS B 30 1.26 -20.03 38.35
N ILE B 31 0.27 -20.63 37.69
CA ILE B 31 -0.40 -21.81 38.24
C ILE B 31 -0.36 -23.01 37.33
N TYR B 32 0.16 -24.13 37.82
CA TYR B 32 0.15 -25.35 37.01
C TYR B 32 -1.02 -26.12 37.59
N ASN B 33 -1.94 -26.52 36.72
CA ASN B 33 -3.12 -27.24 37.16
C ASN B 33 -3.87 -26.45 38.21
N GLN B 34 -3.67 -26.77 39.48
CA GLN B 34 -4.38 -26.07 40.54
C GLN B 34 -3.45 -25.59 41.64
N GLU B 35 -2.17 -25.44 41.28
CA GLU B 35 -1.15 -25.06 42.25
C GLU B 35 -0.21 -23.95 41.79
N GLU B 36 -0.13 -22.88 42.58
CA GLU B 36 0.74 -21.75 42.26
C GLU B 36 2.17 -22.24 42.44
N SER B 37 3.04 -21.89 41.49
CA SER B 37 4.43 -22.34 41.54
C SER B 37 5.44 -21.22 41.76
N VAL B 38 5.26 -20.13 41.02
CA VAL B 38 6.14 -18.96 41.10
C VAL B 38 5.26 -17.74 41.15
N ARG B 39 5.81 -16.62 41.57
CA ARG B 39 5.04 -15.40 41.65
C ARG B 39 5.94 -14.20 41.83
N PHE B 40 5.39 -13.03 41.48
CA PHE B 40 6.11 -11.78 41.65
C PHE B 40 5.20 -10.92 42.50
N ASP B 41 5.69 -10.54 43.65
CA ASP B 41 4.93 -9.70 44.55
C ASP B 41 5.63 -8.35 44.54
N SER B 42 4.93 -7.32 44.09
CA SER B 42 5.49 -5.98 44.03
C SER B 42 6.06 -5.53 45.37
N ASP B 43 5.47 -6.02 46.47
CA ASP B 43 5.93 -5.69 47.81
C ASP B 43 7.28 -6.32 48.06
N VAL B 44 7.61 -7.34 47.28
CA VAL B 44 8.90 -8.03 47.43
C VAL B 44 9.90 -7.48 46.43
N GLY B 45 9.47 -7.29 45.19
CA GLY B 45 10.35 -6.75 44.18
C GLY B 45 10.99 -7.76 43.27
N GLU B 46 10.69 -9.04 43.46
CA GLU B 46 11.26 -10.06 42.59
C GLU B 46 10.60 -11.41 42.72
N TYR B 47 10.80 -12.25 41.72
CA TYR B 47 10.23 -13.59 41.68
C TYR B 47 10.68 -14.47 42.82
N ARG B 48 9.73 -15.25 43.36
CA ARG B 48 10.00 -16.17 44.46
C ARG B 48 9.22 -17.43 44.18
N ALA B 49 9.88 -18.58 44.24
CA ALA B 49 9.18 -19.84 43.99
C ALA B 49 8.23 -20.06 45.15
N VAL B 50 7.12 -20.76 44.91
CA VAL B 50 6.21 -21.03 46.01
C VAL B 50 6.27 -22.53 46.25
N THR B 51 6.55 -23.27 45.19
CA THR B 51 6.71 -24.71 45.29
C THR B 51 8.05 -25.02 44.63
N GLU B 52 8.54 -26.25 44.80
CA GLU B 52 9.80 -26.65 44.19
C GLU B 52 9.87 -26.34 42.71
N LEU B 53 8.81 -26.71 41.99
CA LEU B 53 8.75 -26.51 40.56
C LEU B 53 8.92 -25.08 40.10
N GLY B 54 8.82 -24.13 41.02
CA GLY B 54 8.97 -22.74 40.65
C GLY B 54 10.40 -22.23 40.58
N ARG B 55 11.23 -22.74 41.48
CA ARG B 55 12.63 -22.35 41.55
C ARG B 55 13.34 -22.00 40.25
N PRO B 56 13.39 -22.92 39.29
CA PRO B 56 14.06 -22.63 38.02
C PRO B 56 13.61 -21.30 37.42
N ASP B 57 12.31 -21.08 37.40
CA ASP B 57 11.71 -19.88 36.84
C ASP B 57 12.04 -18.62 37.61
N ALA B 58 11.94 -18.70 38.94
CA ALA B 58 12.24 -17.55 39.77
C ALA B 58 13.70 -17.18 39.57
N GLU B 59 14.56 -18.19 39.54
CA GLU B 59 15.98 -17.97 39.36
C GLU B 59 16.27 -17.33 38.02
N TYR B 60 15.74 -17.92 36.96
CA TYR B 60 15.96 -17.39 35.62
C TYR B 60 15.45 -15.98 35.38
N TRP B 61 14.18 -15.70 35.71
CA TRP B 61 13.67 -14.37 35.49
C TRP B 61 14.41 -13.31 36.31
N ASN B 62 14.65 -13.61 37.59
CA ASN B 62 15.33 -12.66 38.47
C ASN B 62 16.69 -12.21 37.98
N SER B 63 17.31 -12.99 37.09
CA SER B 63 18.62 -12.65 36.58
C SER B 63 18.52 -11.70 35.40
N GLN B 64 17.29 -11.35 35.04
CA GLN B 64 17.05 -10.45 33.93
C GLN B 64 16.74 -9.05 34.46
N LYS B 65 17.80 -8.28 34.71
CA LYS B 65 17.64 -6.93 35.24
C LYS B 65 16.58 -6.10 34.53
N ASP B 66 16.60 -6.11 33.20
CA ASP B 66 15.63 -5.35 32.42
C ASP B 66 14.21 -5.77 32.77
N LEU B 67 13.99 -7.08 32.91
CA LEU B 67 12.68 -7.62 33.26
C LEU B 67 12.21 -7.17 34.65
N LEU B 68 13.07 -7.29 35.66
CA LEU B 68 12.69 -6.88 37.00
C LEU B 68 12.33 -5.41 37.10
N GLU B 69 13.08 -4.54 36.43
CA GLU B 69 12.76 -3.13 36.52
C GLU B 69 11.38 -2.87 35.95
N GLN B 70 11.04 -3.58 34.89
CA GLN B 70 9.75 -3.45 34.23
C GLN B 70 8.66 -3.81 35.22
N ARG B 71 8.74 -5.02 35.75
CA ARG B 71 7.74 -5.50 36.72
C ARG B 71 7.61 -4.51 37.86
N ARG B 72 8.75 -4.03 38.36
CA ARG B 72 8.74 -3.10 39.47
C ARG B 72 8.01 -1.79 39.14
N ALA B 73 8.01 -1.40 37.87
CA ALA B 73 7.36 -0.16 37.42
C ALA B 73 5.92 -0.44 36.97
N ALA B 74 5.63 -1.71 36.73
CA ALA B 74 4.31 -2.13 36.29
C ALA B 74 3.24 -1.53 37.16
N VAL B 75 3.50 -1.46 38.46
CA VAL B 75 2.53 -0.90 39.39
C VAL B 75 1.99 0.42 38.82
N ASP B 76 2.82 1.12 38.06
CA ASP B 76 2.43 2.39 37.45
C ASP B 76 2.05 2.25 35.99
N THR B 77 2.96 1.73 35.19
CA THR B 77 2.72 1.58 33.76
C THR B 77 1.56 0.65 33.39
N TYR B 78 1.22 -0.29 34.27
CA TYR B 78 0.15 -1.28 34.05
C TYR B 78 -1.07 -1.07 34.94
N CYS B 79 -0.92 -1.32 36.25
CA CYS B 79 -2.01 -1.16 37.20
C CYS B 79 -2.69 0.20 37.19
N ARG B 80 -1.95 1.24 37.60
CA ARG B 80 -2.54 2.56 37.65
C ARG B 80 -3.04 3.03 36.31
N HIS B 81 -2.39 2.57 35.24
CA HIS B 81 -2.81 2.94 33.89
C HIS B 81 -4.16 2.35 33.59
N ASN B 82 -4.24 1.03 33.69
CA ASN B 82 -5.50 0.35 33.41
C ASN B 82 -6.63 0.85 34.31
N TYR B 83 -6.31 1.09 35.59
CA TYR B 83 -7.31 1.58 36.53
C TYR B 83 -7.99 2.83 35.96
N GLY B 84 -7.19 3.69 35.35
CA GLY B 84 -7.72 4.91 34.77
C GLY B 84 -8.57 4.62 33.55
N VAL B 85 -8.03 3.86 32.62
CA VAL B 85 -8.74 3.52 31.40
C VAL B 85 -10.21 3.19 31.64
N GLY B 86 -10.48 2.30 32.60
CA GLY B 86 -11.85 1.90 32.84
C GLY B 86 -12.63 2.55 33.98
N GLU B 87 -11.99 3.42 34.74
CA GLU B 87 -12.64 4.08 35.86
C GLU B 87 -14.08 4.53 35.67
N SER B 88 -14.36 5.24 34.59
CA SER B 88 -15.71 5.75 34.34
C SER B 88 -16.81 4.71 34.28
N PHE B 89 -16.57 3.57 33.63
CA PHE B 89 -17.61 2.56 33.54
C PHE B 89 -17.48 1.37 34.50
N THR B 90 -16.47 1.41 35.36
CA THR B 90 -16.26 0.36 36.35
C THR B 90 -16.41 0.94 37.76
N VAL B 91 -15.38 1.61 38.26
CA VAL B 91 -15.45 2.19 39.59
C VAL B 91 -16.65 3.12 39.75
N GLN B 92 -16.94 3.92 38.70
CA GLN B 92 -18.05 4.87 38.74
C GLN B 92 -19.43 4.23 38.41
N ARG B 93 -19.44 3.04 37.81
CA ARG B 93 -20.67 2.36 37.45
C ARG B 93 -21.65 2.29 38.61
N ARG B 94 -22.87 2.79 38.38
CA ARG B 94 -23.91 2.78 39.41
C ARG B 94 -25.23 2.42 38.77
N VAL B 95 -25.89 1.41 39.31
CA VAL B 95 -27.18 0.97 38.79
C VAL B 95 -28.12 0.77 39.96
N GLU B 96 -29.15 1.60 40.01
CA GLU B 96 -30.14 1.60 41.07
C GLU B 96 -30.86 0.27 41.22
N PRO B 97 -31.01 -0.22 42.47
CA PRO B 97 -31.68 -1.50 42.73
C PRO B 97 -33.20 -1.45 42.53
N LYS B 98 -33.78 -2.60 42.22
CA LYS B 98 -35.22 -2.71 42.03
C LYS B 98 -35.76 -3.48 43.23
N VAL B 99 -36.46 -2.77 44.11
CA VAL B 99 -37.00 -3.33 45.34
C VAL B 99 -38.50 -3.65 45.26
N THR B 100 -38.87 -4.88 45.64
CA THR B 100 -40.28 -5.28 45.66
C THR B 100 -40.45 -6.21 46.86
N VAL B 101 -41.67 -6.31 47.38
CA VAL B 101 -41.94 -7.15 48.54
C VAL B 101 -43.15 -8.04 48.31
N TYR B 102 -42.98 -9.35 48.52
CA TYR B 102 -44.05 -10.31 48.32
C TYR B 102 -44.01 -11.35 49.44
N PRO B 103 -45.15 -11.93 49.78
CA PRO B 103 -45.19 -12.94 50.84
C PRO B 103 -44.63 -14.29 50.41
N SER B 104 -44.62 -15.23 51.34
CA SER B 104 -44.11 -16.57 51.07
C SER B 104 -44.36 -17.49 52.28
N LYS B 105 -44.43 -18.80 52.01
CA LYS B 105 -44.65 -19.79 53.07
C LYS B 105 -43.36 -20.54 53.30
N THR B 106 -42.94 -20.61 54.55
CA THR B 106 -41.71 -21.30 54.92
C THR B 106 -41.77 -22.80 54.60
N GLN B 107 -42.99 -23.32 54.47
CA GLN B 107 -43.21 -24.73 54.15
C GLN B 107 -44.51 -24.84 53.36
N PRO B 108 -44.66 -25.93 52.57
CA PRO B 108 -45.88 -26.11 51.79
C PRO B 108 -47.14 -26.24 52.65
N LEU B 109 -46.96 -26.47 53.95
CA LEU B 109 -48.08 -26.59 54.87
C LEU B 109 -48.26 -25.32 55.68
N GLN B 110 -47.16 -24.62 55.94
CA GLN B 110 -47.15 -23.38 56.69
C GLN B 110 -48.00 -22.28 56.07
N HIS B 111 -48.35 -21.27 56.87
CA HIS B 111 -49.15 -20.15 56.36
C HIS B 111 -48.25 -19.09 55.77
N HIS B 112 -48.75 -17.87 55.64
CA HIS B 112 -47.93 -16.81 55.08
C HIS B 112 -46.96 -16.34 56.14
N ASN B 113 -46.00 -17.23 56.39
CA ASN B 113 -44.95 -17.05 57.38
C ASN B 113 -44.06 -15.84 57.18
N LEU B 114 -43.20 -15.91 56.17
CA LEU B 114 -42.28 -14.81 55.92
C LEU B 114 -42.59 -13.92 54.73
N LEU B 115 -42.13 -12.68 54.81
CA LEU B 115 -42.28 -11.70 53.76
C LEU B 115 -40.91 -11.62 53.10
N VAL B 116 -40.88 -11.51 51.79
CA VAL B 116 -39.62 -11.44 51.06
C VAL B 116 -39.35 -10.08 50.46
N CYS B 117 -38.14 -9.56 50.69
CA CYS B 117 -37.78 -8.28 50.11
C CYS B 117 -36.78 -8.57 49.01
N SER B 118 -37.22 -8.45 47.77
CA SER B 118 -36.38 -8.71 46.62
C SER B 118 -35.67 -7.45 46.15
N VAL B 119 -34.35 -7.46 46.21
CA VAL B 119 -33.53 -6.34 45.75
C VAL B 119 -32.72 -6.87 44.56
N SER B 120 -33.00 -6.38 43.36
CA SER B 120 -32.31 -6.88 42.16
C SER B 120 -31.78 -5.90 41.11
N GLY B 121 -30.86 -6.40 40.29
CA GLY B 121 -30.26 -5.61 39.22
C GLY B 121 -29.43 -4.39 39.57
N PHE B 122 -28.84 -4.39 40.76
CA PHE B 122 -28.06 -3.25 41.22
C PHE B 122 -26.56 -3.44 41.09
N TYR B 123 -25.82 -2.33 41.18
CA TYR B 123 -24.36 -2.30 41.12
C TYR B 123 -23.91 -0.95 41.64
N PRO B 124 -22.88 -0.92 42.51
CA PRO B 124 -22.06 -1.98 43.12
C PRO B 124 -22.81 -2.96 44.00
N GLY B 125 -22.09 -4.01 44.41
CA GLY B 125 -22.68 -5.03 45.26
C GLY B 125 -22.90 -4.60 46.69
N SER B 126 -22.25 -3.51 47.09
CA SER B 126 -22.38 -3.03 48.46
C SER B 126 -23.73 -2.38 48.69
N ILE B 127 -24.56 -3.02 49.52
CA ILE B 127 -25.89 -2.51 49.81
C ILE B 127 -26.32 -2.86 51.22
N GLU B 128 -27.33 -2.16 51.71
CA GLU B 128 -27.85 -2.42 53.05
C GLU B 128 -29.36 -2.53 52.98
N VAL B 129 -29.91 -3.57 53.57
CA VAL B 129 -31.35 -3.74 53.57
C VAL B 129 -31.86 -4.16 54.95
N ARG B 130 -32.79 -3.35 55.50
CA ARG B 130 -33.39 -3.59 56.81
C ARG B 130 -34.92 -3.65 56.79
N TRP B 131 -35.48 -4.44 57.71
CA TRP B 131 -36.92 -4.61 57.85
C TRP B 131 -37.42 -3.76 59.03
N PHE B 132 -38.61 -3.17 58.89
CA PHE B 132 -39.19 -2.37 59.96
C PHE B 132 -40.66 -2.72 60.15
N ARG B 133 -41.05 -3.06 61.38
CA ARG B 133 -42.45 -3.36 61.65
C ARG B 133 -43.05 -2.18 62.40
N ASN B 134 -43.74 -1.32 61.67
CA ASN B 134 -44.37 -0.14 62.26
C ASN B 134 -43.29 0.76 62.87
N GLY B 135 -42.37 1.21 62.02
CA GLY B 135 -41.31 2.08 62.49
C GLY B 135 -40.20 1.46 63.31
N GLN B 136 -40.46 0.34 63.96
CA GLN B 136 -39.45 -0.33 64.77
C GLN B 136 -38.67 -1.35 63.94
N GLU B 137 -37.35 -1.19 63.91
CA GLU B 137 -36.50 -2.09 63.13
C GLU B 137 -36.56 -3.55 63.58
N GLU B 138 -36.64 -4.45 62.61
CA GLU B 138 -36.69 -5.88 62.83
C GLU B 138 -35.36 -6.51 62.44
N LYS B 139 -34.86 -7.39 63.30
CA LYS B 139 -33.59 -8.05 63.04
C LYS B 139 -33.63 -9.53 63.39
N ALA B 140 -34.11 -9.83 64.58
CA ALA B 140 -34.16 -11.20 65.09
C ALA B 140 -34.71 -12.28 64.14
N GLY B 141 -35.62 -11.91 63.25
CA GLY B 141 -36.18 -12.90 62.36
C GLY B 141 -35.86 -12.74 60.89
N VAL B 142 -34.67 -12.23 60.58
CA VAL B 142 -34.28 -12.04 59.18
C VAL B 142 -33.34 -13.13 58.68
N VAL B 143 -33.51 -13.49 57.41
CA VAL B 143 -32.65 -14.49 56.80
C VAL B 143 -32.37 -13.94 55.44
N SER B 144 -31.22 -14.27 54.88
CA SER B 144 -30.90 -13.76 53.56
C SER B 144 -30.15 -14.76 52.68
N THR B 145 -30.17 -14.49 51.39
CA THR B 145 -29.48 -15.34 50.44
C THR B 145 -28.04 -14.86 50.41
N GLY B 146 -27.82 -13.68 50.98
CA GLY B 146 -26.51 -13.07 50.96
C GLY B 146 -26.39 -12.38 49.62
N LEU B 147 -25.33 -11.61 49.41
CA LEU B 147 -25.15 -10.89 48.14
C LEU B 147 -24.90 -11.86 46.99
N ILE B 148 -25.61 -11.65 45.89
CA ILE B 148 -25.44 -12.53 44.74
C ILE B 148 -24.97 -11.78 43.49
N GLN B 149 -23.85 -12.22 42.94
CA GLN B 149 -23.30 -11.59 41.75
C GLN B 149 -23.79 -12.34 40.51
N ASN B 150 -24.58 -11.66 39.68
CA ASN B 150 -25.17 -12.25 38.48
C ASN B 150 -24.22 -12.57 37.31
N GLY B 151 -23.06 -11.91 37.28
CA GLY B 151 -22.12 -12.20 36.21
C GLY B 151 -22.26 -11.28 35.00
N ASP B 152 -23.16 -10.33 35.11
CA ASP B 152 -23.40 -9.38 34.02
C ASP B 152 -23.34 -7.97 34.58
N TRP B 153 -22.46 -7.78 35.56
CA TRP B 153 -22.27 -6.48 36.19
C TRP B 153 -23.47 -5.98 36.98
N THR B 154 -24.14 -6.89 37.69
CA THR B 154 -25.27 -6.53 38.54
C THR B 154 -25.39 -7.56 39.66
N PHE B 155 -25.99 -7.15 40.77
CA PHE B 155 -26.19 -8.04 41.92
C PHE B 155 -27.65 -8.12 42.31
N GLN B 156 -27.98 -9.10 43.15
CA GLN B 156 -29.34 -9.27 43.62
C GLN B 156 -29.25 -9.98 44.95
N THR B 157 -30.28 -9.82 45.77
CA THR B 157 -30.29 -10.47 47.07
C THR B 157 -31.72 -10.53 47.59
N LEU B 158 -32.02 -11.57 48.35
CA LEU B 158 -33.35 -11.73 48.93
C LEU B 158 -33.20 -11.66 50.44
N VAL B 159 -33.99 -10.80 51.07
CA VAL B 159 -33.94 -10.63 52.51
C VAL B 159 -35.33 -10.94 53.08
N MET B 160 -35.45 -12.05 53.80
CA MET B 160 -36.74 -12.46 54.40
C MET B 160 -36.93 -12.15 55.88
N LEU B 161 -38.17 -11.87 56.26
CA LEU B 161 -38.54 -11.59 57.64
C LEU B 161 -39.52 -12.68 58.06
N GLU B 162 -39.14 -13.46 59.05
CA GLU B 162 -39.94 -14.58 59.53
C GLU B 162 -41.04 -14.18 60.50
N THR B 163 -42.11 -13.54 60.01
CA THR B 163 -43.21 -13.15 60.89
C THR B 163 -44.56 -13.23 60.23
N VAL B 164 -45.49 -13.94 60.86
CA VAL B 164 -46.85 -14.04 60.34
C VAL B 164 -47.46 -12.65 60.54
N PRO B 165 -47.53 -11.85 59.45
CA PRO B 165 -48.09 -10.48 59.52
C PRO B 165 -49.52 -10.37 60.03
N ARG B 166 -49.66 -9.88 61.27
CA ARG B 166 -50.97 -9.72 61.85
C ARG B 166 -51.62 -8.43 61.34
N SER B 167 -52.94 -8.47 61.20
CA SER B 167 -53.72 -7.34 60.69
C SER B 167 -53.46 -6.03 61.42
N GLY B 168 -53.40 -4.94 60.66
CA GLY B 168 -53.17 -3.63 61.25
C GLY B 168 -51.75 -3.13 61.07
N GLU B 169 -50.80 -4.06 61.09
CA GLU B 169 -49.37 -3.74 60.94
C GLU B 169 -48.92 -3.39 59.52
N VAL B 170 -47.92 -2.49 59.44
CA VAL B 170 -47.33 -2.06 58.17
C VAL B 170 -45.82 -2.34 58.20
N TYR B 171 -45.41 -3.38 57.48
CA TYR B 171 -44.00 -3.77 57.38
C TYR B 171 -43.31 -2.93 56.31
N THR B 172 -42.03 -2.64 56.51
CA THR B 172 -41.29 -1.85 55.53
C THR B 172 -39.89 -2.36 55.27
N CYS B 173 -39.54 -2.47 53.99
CA CYS B 173 -38.22 -2.92 53.59
C CYS B 173 -37.45 -1.69 53.14
N GLN B 174 -36.39 -1.36 53.87
CA GLN B 174 -35.56 -0.20 53.57
C GLN B 174 -34.22 -0.58 52.97
N VAL B 175 -33.98 -0.08 51.75
CA VAL B 175 -32.75 -0.37 51.02
C VAL B 175 -31.88 0.88 50.80
N GLU B 176 -30.62 0.79 51.22
CA GLU B 176 -29.67 1.89 51.07
C GLU B 176 -28.54 1.45 50.17
N HIS B 177 -28.31 2.21 49.10
CA HIS B 177 -27.31 1.88 48.11
C HIS B 177 -26.73 3.12 47.43
N PRO B 178 -25.44 3.09 47.05
CA PRO B 178 -24.76 4.20 46.39
C PRO B 178 -25.49 4.85 45.23
N SER B 179 -26.33 4.10 44.54
CA SER B 179 -27.06 4.62 43.41
C SER B 179 -28.22 5.49 43.83
N VAL B 180 -28.30 5.84 45.10
CA VAL B 180 -29.43 6.64 45.54
C VAL B 180 -29.10 7.36 46.85
N THR B 181 -29.37 8.65 46.89
CA THR B 181 -29.10 9.44 48.07
C THR B 181 -30.02 9.10 49.25
N SER B 182 -31.32 9.06 49.00
CA SER B 182 -32.28 8.72 50.06
C SER B 182 -32.68 7.26 49.98
N PRO B 183 -32.62 6.54 51.11
CA PRO B 183 -32.99 5.12 51.13
C PRO B 183 -34.32 4.80 50.46
N LEU B 184 -34.37 3.65 49.79
CA LEU B 184 -35.57 3.17 49.11
C LEU B 184 -36.41 2.42 50.11
N THR B 185 -37.72 2.53 49.95
CA THR B 185 -38.64 1.87 50.86
C THR B 185 -39.81 1.25 50.12
N VAL B 186 -40.30 0.14 50.64
CA VAL B 186 -41.44 -0.54 50.06
C VAL B 186 -42.21 -1.05 51.26
N GLU B 187 -43.48 -0.67 51.35
CA GLU B 187 -44.30 -1.10 52.47
C GLU B 187 -45.21 -2.25 52.08
N TRP B 188 -45.66 -2.99 53.08
CA TRP B 188 -46.56 -4.10 52.87
C TRP B 188 -47.58 -4.09 53.98
N ARG B 189 -48.78 -3.66 53.65
CA ARG B 189 -49.88 -3.58 54.62
C ARG B 189 -50.34 -5.00 54.92
N ALA B 190 -50.43 -5.32 56.20
CA ALA B 190 -50.86 -6.63 56.65
C ALA B 190 -52.24 -7.03 56.09
N PRO C 1 -8.64 5.64 25.41
CA PRO C 1 -7.92 4.84 26.43
C PRO C 1 -7.67 3.41 25.92
N LYS C 2 -6.45 2.92 26.13
CA LYS C 2 -6.13 1.58 25.68
C LYS C 2 -5.66 0.71 26.86
N TYR C 3 -6.34 -0.41 27.07
CA TYR C 3 -5.94 -1.34 28.12
C TYR C 3 -4.57 -1.87 27.71
N VAL C 4 -3.64 -1.91 28.66
CA VAL C 4 -2.32 -2.42 28.34
C VAL C 4 -2.12 -3.69 29.13
N LYS C 5 -1.41 -4.64 28.54
CA LYS C 5 -1.20 -5.93 29.19
C LYS C 5 0.20 -6.09 29.78
N GLN C 6 0.44 -7.29 30.30
CA GLN C 6 1.71 -7.70 30.88
C GLN C 6 2.11 -8.92 30.04
N ASN C 7 3.28 -8.84 29.42
CA ASN C 7 3.75 -9.94 28.58
C ASN C 7 4.01 -11.20 29.39
N THR C 8 3.76 -12.35 28.77
CA THR C 8 4.00 -13.61 29.44
C THR C 8 5.47 -13.91 29.24
N LEU C 9 6.13 -14.49 30.23
CA LEU C 9 7.54 -14.81 30.07
C LEU C 9 7.69 -16.31 29.92
N LYS C 10 8.64 -16.75 29.12
CA LYS C 10 8.85 -18.18 28.92
C LYS C 10 9.56 -18.79 30.12
N LEU C 11 9.11 -19.97 30.53
CA LEU C 11 9.69 -20.66 31.67
C LEU C 11 11.16 -21.01 31.49
N ALA C 12 11.73 -21.58 32.55
CA ALA C 12 13.13 -22.00 32.62
C ALA C 12 13.56 -23.00 31.55
N THR C 13 14.46 -22.54 30.67
CA THR C 13 15.03 -23.29 29.57
C THR C 13 14.01 -23.91 28.60
N SER D 1 18.71 7.68 10.38
CA SER D 1 19.94 6.92 9.97
C SER D 1 19.56 5.65 9.21
N MET D 2 19.18 4.60 9.93
CA MET D 2 18.80 3.34 9.30
C MET D 2 17.29 3.27 9.13
N LYS D 3 16.86 2.85 7.94
CA LYS D 3 15.42 2.75 7.68
C LYS D 3 14.80 1.51 8.32
N LEU D 4 13.70 1.72 9.03
CA LEU D 4 13.01 0.62 9.68
C LEU D 4 11.89 0.14 8.78
N ARG D 5 11.37 -1.05 9.05
CA ARG D 5 10.27 -1.59 8.27
C ARG D 5 9.00 -0.85 8.66
N VAL D 6 9.03 -0.24 9.85
CA VAL D 6 7.93 0.56 10.37
C VAL D 6 8.58 1.77 11.00
N GLU D 7 8.38 2.93 10.41
CA GLU D 7 9.01 4.16 10.87
C GLU D 7 8.89 4.47 12.35
N ASN D 8 7.67 4.49 12.87
CA ASN D 8 7.49 4.77 14.29
C ASN D 8 6.91 3.54 14.95
N PRO D 9 7.79 2.59 15.28
CA PRO D 9 7.45 1.31 15.91
C PRO D 9 6.71 1.49 17.23
N LYS D 10 5.66 0.72 17.43
CA LYS D 10 4.95 0.78 18.69
C LYS D 10 5.65 -0.18 19.64
N LYS D 11 5.75 0.23 20.91
CA LYS D 11 6.38 -0.55 21.96
C LYS D 11 6.23 -2.06 21.78
N ALA D 12 7.33 -2.78 22.00
CA ALA D 12 7.33 -4.23 21.89
C ALA D 12 7.95 -4.75 23.19
N GLN D 13 7.50 -5.91 23.64
CA GLN D 13 8.04 -6.50 24.87
C GLN D 13 8.56 -7.90 24.55
N LYS D 14 9.70 -8.28 25.15
CA LYS D 14 10.17 -9.62 24.87
C LYS D 14 9.71 -10.60 25.94
N HIS D 15 9.37 -11.80 25.50
CA HIS D 15 8.89 -12.84 26.38
C HIS D 15 10.00 -13.85 26.72
N PHE D 16 11.24 -13.48 26.37
CA PHE D 16 12.40 -14.33 26.62
C PHE D 16 12.18 -15.73 26.07
N VAL D 17 11.87 -15.78 24.78
CA VAL D 17 11.62 -17.04 24.11
C VAL D 17 12.63 -17.28 22.98
N GLN D 18 13.80 -16.66 23.09
CA GLN D 18 14.83 -16.79 22.06
C GLN D 18 15.55 -18.12 22.07
N ASN D 19 15.54 -18.82 23.19
CA ASN D 19 16.23 -20.09 23.29
C ASN D 19 15.42 -21.33 22.92
N LEU D 20 14.23 -21.15 22.35
CA LEU D 20 13.44 -22.30 21.91
C LEU D 20 14.17 -22.89 20.69
N ASN D 21 14.15 -24.21 20.54
CA ASN D 21 14.86 -24.81 19.41
C ASN D 21 14.11 -25.51 18.30
N ASN D 22 12.80 -25.67 18.42
CA ASN D 22 12.09 -26.35 17.34
C ASN D 22 10.71 -25.80 17.12
N VAL D 23 10.66 -24.49 16.86
CA VAL D 23 9.42 -23.80 16.64
C VAL D 23 8.85 -24.00 15.26
N VAL D 24 9.72 -24.12 14.26
CA VAL D 24 9.32 -24.29 12.86
C VAL D 24 8.66 -25.63 12.51
N PHE D 25 7.45 -25.61 11.94
CA PHE D 25 6.77 -26.84 11.58
C PHE D 25 7.37 -27.55 10.36
N THR D 26 7.42 -28.89 10.42
CA THR D 26 7.97 -29.69 9.34
C THR D 26 6.88 -29.86 8.27
N ASN D 27 7.26 -30.42 7.12
CA ASN D 27 6.28 -30.63 6.06
C ASN D 27 5.21 -31.63 6.47
N LYS D 28 5.61 -32.77 6.99
CA LYS D 28 4.63 -33.76 7.39
C LYS D 28 3.64 -33.06 8.32
N GLU D 29 4.17 -32.28 9.26
CA GLU D 29 3.34 -31.56 10.21
C GLU D 29 2.33 -30.67 9.48
N LEU D 30 2.83 -29.78 8.64
CA LEU D 30 1.94 -28.88 7.90
C LEU D 30 0.97 -29.67 7.01
N GLU D 31 1.45 -30.74 6.40
CA GLU D 31 0.57 -31.54 5.54
C GLU D 31 -0.54 -32.18 6.33
N ASP D 32 -0.21 -32.70 7.51
CA ASP D 32 -1.23 -33.33 8.35
C ASP D 32 -2.32 -32.34 8.73
N ILE D 33 -2.00 -31.05 8.67
CA ILE D 33 -2.96 -30.00 8.99
C ILE D 33 -3.78 -29.72 7.74
N TYR D 34 -3.10 -29.57 6.61
CA TYR D 34 -3.77 -29.31 5.34
C TYR D 34 -4.80 -30.38 5.06
N ASN D 35 -4.48 -31.61 5.48
CA ASN D 35 -5.33 -32.76 5.26
C ASN D 35 -6.70 -32.66 5.90
N LEU D 36 -6.78 -31.96 7.03
CA LEU D 36 -8.07 -31.80 7.68
C LEU D 36 -9.07 -31.14 6.76
N SER D 37 -8.60 -30.26 5.88
CA SER D 37 -9.48 -29.58 4.93
C SER D 37 -9.77 -30.54 3.78
N ASN D 38 -10.44 -31.65 4.09
CA ASN D 38 -10.74 -32.67 3.09
C ASN D 38 -11.99 -32.44 2.22
N LYS D 39 -12.95 -31.65 2.70
CA LYS D 39 -14.16 -31.40 1.93
C LYS D 39 -13.89 -30.64 0.63
N GLU D 40 -14.73 -30.89 -0.36
CA GLU D 40 -14.64 -30.27 -1.67
C GLU D 40 -14.80 -28.75 -1.61
N GLU D 41 -15.93 -28.31 -1.07
CA GLU D 41 -16.24 -26.89 -0.97
C GLU D 41 -15.10 -26.02 -0.44
N THR D 42 -14.24 -26.59 0.40
CA THR D 42 -13.15 -25.83 0.99
C THR D 42 -11.82 -25.89 0.25
N LYS D 43 -11.76 -26.64 -0.85
CA LYS D 43 -10.50 -26.80 -1.60
C LYS D 43 -9.92 -25.54 -2.25
N GLU D 44 -10.74 -24.53 -2.46
CA GLU D 44 -10.26 -23.31 -3.09
C GLU D 44 -9.56 -22.41 -2.08
N VAL D 45 -10.14 -22.30 -0.88
CA VAL D 45 -9.56 -21.48 0.17
C VAL D 45 -8.36 -22.20 0.77
N LEU D 46 -8.38 -23.52 0.70
CA LEU D 46 -7.27 -24.31 1.23
C LEU D 46 -6.00 -23.95 0.48
N LYS D 47 -6.15 -23.53 -0.78
CA LYS D 47 -5.00 -23.13 -1.58
C LYS D 47 -4.45 -21.83 -1.01
N LEU D 48 -5.33 -20.86 -0.80
CA LEU D 48 -4.94 -19.55 -0.25
C LEU D 48 -4.27 -19.69 1.12
N PHE D 49 -4.67 -20.73 1.85
CA PHE D 49 -4.12 -20.97 3.18
C PHE D 49 -2.69 -21.52 3.03
N LYS D 50 -2.52 -22.51 2.16
CA LYS D 50 -1.20 -23.09 1.94
C LYS D 50 -0.29 -22.00 1.42
N LEU D 51 -0.82 -21.15 0.56
CA LEU D 51 -0.04 -20.07 -0.01
C LEU D 51 0.43 -19.10 1.09
N LYS D 52 -0.44 -18.83 2.07
CA LYS D 52 -0.07 -17.92 3.16
C LYS D 52 0.94 -18.51 4.13
N VAL D 53 0.82 -19.81 4.40
CA VAL D 53 1.76 -20.47 5.28
C VAL D 53 3.14 -20.37 4.67
N ASN D 54 3.21 -20.45 3.34
CA ASN D 54 4.48 -20.35 2.64
C ASN D 54 5.01 -18.93 2.71
N GLN D 55 4.16 -17.96 2.44
CA GLN D 55 4.56 -16.57 2.51
C GLN D 55 5.10 -16.31 3.91
N PHE D 56 4.44 -16.94 4.90
CA PHE D 56 4.80 -16.80 6.32
C PHE D 56 6.25 -17.24 6.53
N TYR D 57 6.55 -18.48 6.16
CA TYR D 57 7.90 -19.00 6.32
C TYR D 57 8.94 -18.09 5.69
N ARG D 58 8.71 -17.75 4.43
CA ARG D 58 9.64 -16.87 3.73
C ARG D 58 9.84 -15.57 4.50
N HIS D 59 8.75 -15.05 5.08
CA HIS D 59 8.82 -13.80 5.83
C HIS D 59 9.71 -13.92 7.06
N ALA D 60 9.50 -14.98 7.82
CA ALA D 60 10.27 -15.23 9.03
C ALA D 60 11.76 -15.37 8.76
N PHE D 61 12.12 -16.26 7.83
CA PHE D 61 13.52 -16.45 7.51
C PHE D 61 14.08 -15.21 6.87
N GLY D 62 13.23 -14.44 6.22
CA GLY D 62 13.68 -13.22 5.60
C GLY D 62 14.22 -12.31 6.66
N ILE D 63 13.59 -12.33 7.83
CA ILE D 63 14.01 -11.48 8.93
C ILE D 63 15.33 -11.94 9.52
N VAL D 64 15.52 -13.24 9.66
CA VAL D 64 16.78 -13.71 10.21
C VAL D 64 17.89 -13.50 9.19
N ASN D 65 17.54 -13.54 7.91
CA ASN D 65 18.56 -13.36 6.89
C ASN D 65 19.12 -11.95 6.85
N ASP D 66 18.26 -10.96 7.09
CA ASP D 66 18.67 -9.56 7.08
C ASP D 66 19.18 -9.05 8.43
N TYR D 67 18.61 -9.58 9.52
CA TYR D 67 18.97 -9.09 10.84
C TYR D 67 19.53 -10.05 11.87
N ASN D 68 20.26 -11.07 11.42
CA ASN D 68 20.86 -12.04 12.33
C ASN D 68 21.91 -11.39 13.22
N GLY D 69 22.28 -10.15 12.91
CA GLY D 69 23.27 -9.47 13.73
C GLY D 69 22.62 -8.85 14.95
N LEU D 70 21.31 -8.66 14.88
CA LEU D 70 20.52 -8.07 15.97
C LEU D 70 20.09 -9.15 16.94
N LEU D 71 20.61 -9.06 18.15
CA LEU D 71 20.32 -10.03 19.21
C LEU D 71 18.86 -10.44 19.35
N GLU D 72 17.95 -9.47 19.32
CA GLU D 72 16.53 -9.76 19.48
C GLU D 72 15.84 -10.44 18.30
N TYR D 73 16.57 -10.82 17.26
CA TYR D 73 15.90 -11.44 16.12
C TYR D 73 15.38 -12.83 16.39
N LYS D 74 16.03 -13.57 17.29
CA LYS D 74 15.55 -14.92 17.59
C LYS D 74 14.23 -14.82 18.33
N GLU D 75 14.10 -13.76 19.13
CA GLU D 75 12.88 -13.50 19.89
C GLU D 75 11.72 -13.32 18.90
N ILE D 76 11.94 -12.46 17.92
CA ILE D 76 10.95 -12.16 16.92
C ILE D 76 10.63 -13.38 16.05
N PHE D 77 11.67 -14.12 15.67
CA PHE D 77 11.46 -15.31 14.85
C PHE D 77 10.63 -16.31 15.63
N ASN D 78 11.09 -16.66 16.82
CA ASN D 78 10.35 -17.63 17.63
C ASN D 78 8.93 -17.21 17.95
N MET D 79 8.70 -15.94 18.26
CA MET D 79 7.36 -15.50 18.59
C MET D 79 6.43 -15.71 17.40
N MET D 80 6.93 -15.47 16.20
CA MET D 80 6.12 -15.66 15.00
C MET D 80 5.59 -17.10 14.94
N PHE D 81 6.46 -18.06 15.21
CA PHE D 81 6.02 -19.45 15.14
C PHE D 81 5.19 -19.89 16.33
N LEU D 82 5.39 -19.25 17.48
CA LEU D 82 4.58 -19.61 18.64
C LEU D 82 3.15 -19.15 18.37
N LYS D 83 3.01 -18.01 17.69
CA LYS D 83 1.70 -17.48 17.35
C LYS D 83 1.05 -18.36 16.26
N LEU D 84 1.83 -18.74 15.26
CA LEU D 84 1.34 -19.58 14.18
C LEU D 84 0.67 -20.79 14.82
N SER D 85 1.38 -21.39 15.77
CA SER D 85 0.94 -22.57 16.49
C SER D 85 -0.46 -22.41 17.12
N VAL D 86 -0.79 -21.19 17.53
CA VAL D 86 -2.10 -20.94 18.12
C VAL D 86 -3.13 -20.94 17.00
N VAL D 87 -2.84 -20.24 15.91
CA VAL D 87 -3.75 -20.18 14.76
C VAL D 87 -4.08 -21.60 14.31
N PHE D 88 -3.05 -22.44 14.29
CA PHE D 88 -3.22 -23.83 13.87
C PHE D 88 -4.18 -24.55 14.81
N ASP D 89 -4.24 -24.11 16.07
CA ASP D 89 -5.15 -24.75 17.04
C ASP D 89 -6.56 -24.61 16.52
N THR D 90 -6.89 -23.40 16.05
CA THR D 90 -8.21 -23.10 15.52
C THR D 90 -8.39 -23.82 14.20
N GLN D 91 -7.38 -23.74 13.35
CA GLN D 91 -7.45 -24.40 12.05
C GLN D 91 -7.81 -25.87 12.18
N ARG D 92 -7.23 -26.55 13.16
CA ARG D 92 -7.47 -27.96 13.40
C ARG D 92 -8.90 -28.29 13.79
N LYS D 93 -9.60 -27.34 14.39
CA LYS D 93 -10.97 -27.58 14.82
C LYS D 93 -11.97 -26.89 13.89
N GLU D 94 -11.46 -26.24 12.86
CA GLU D 94 -12.29 -25.53 11.90
C GLU D 94 -11.86 -25.85 10.50
N ALA D 95 -11.16 -26.97 10.37
CA ALA D 95 -10.62 -27.44 9.10
C ALA D 95 -11.41 -27.13 7.82
N ASN D 96 -12.75 -27.13 7.87
CA ASN D 96 -13.52 -26.85 6.66
C ASN D 96 -14.42 -25.63 6.70
N ASN D 97 -14.20 -24.78 7.70
CA ASN D 97 -14.97 -23.55 7.86
C ASN D 97 -14.28 -22.48 7.00
N VAL D 98 -14.76 -22.28 5.77
CA VAL D 98 -14.09 -21.31 4.92
C VAL D 98 -13.92 -19.92 5.53
N GLU D 99 -14.93 -19.42 6.22
CA GLU D 99 -14.81 -18.09 6.83
C GLU D 99 -13.68 -18.05 7.86
N GLN D 100 -13.51 -19.14 8.59
CA GLN D 100 -12.46 -19.24 9.60
C GLN D 100 -11.09 -19.30 8.95
N ILE D 101 -10.98 -20.12 7.90
CA ILE D 101 -9.72 -20.25 7.19
C ILE D 101 -9.31 -18.88 6.64
N LYS D 102 -10.29 -18.05 6.30
CA LYS D 102 -9.97 -16.74 5.77
C LYS D 102 -9.52 -15.82 6.90
N ARG D 103 -10.14 -15.92 8.08
CA ARG D 103 -9.75 -15.10 9.23
C ARG D 103 -8.32 -15.46 9.61
N ASN D 104 -8.04 -16.75 9.65
CA ASN D 104 -6.72 -17.25 9.99
C ASN D 104 -5.69 -16.66 9.04
N ILE D 105 -6.02 -16.66 7.76
CA ILE D 105 -5.11 -16.11 6.77
C ILE D 105 -4.86 -14.64 7.11
N ALA D 106 -5.93 -13.93 7.42
CA ALA D 106 -5.84 -12.52 7.78
C ALA D 106 -4.95 -12.36 9.02
N ILE D 107 -5.06 -13.30 9.95
CA ILE D 107 -4.25 -13.22 11.16
C ILE D 107 -2.78 -13.53 10.84
N LEU D 108 -2.52 -14.52 9.98
CA LEU D 108 -1.14 -14.85 9.61
C LEU D 108 -0.46 -13.59 9.07
N ASP D 109 -1.25 -12.73 8.44
CA ASP D 109 -0.73 -11.47 7.91
C ASP D 109 -0.43 -10.53 9.06
N GLU D 110 -1.37 -10.44 9.98
CA GLU D 110 -1.23 -9.58 11.14
C GLU D 110 -0.01 -9.96 11.96
N ILE D 111 0.23 -11.26 12.06
CA ILE D 111 1.38 -11.78 12.78
C ILE D 111 2.67 -11.29 12.14
N MET D 112 2.68 -11.24 10.82
CA MET D 112 3.84 -10.80 10.07
C MET D 112 4.03 -9.30 10.28
N ALA D 113 2.94 -8.55 10.19
CA ALA D 113 3.02 -7.11 10.39
C ALA D 113 3.59 -6.80 11.78
N LYS D 114 3.05 -7.47 12.79
CA LYS D 114 3.47 -7.30 14.16
C LYS D 114 4.96 -7.58 14.31
N ALA D 115 5.43 -8.58 13.57
CA ALA D 115 6.83 -8.98 13.60
C ALA D 115 7.68 -7.83 13.09
N ASP D 116 7.26 -7.23 11.98
CA ASP D 116 7.99 -6.10 11.40
C ASP D 116 8.02 -4.93 12.38
N ASN D 117 6.89 -4.68 13.04
CA ASN D 117 6.84 -3.59 14.00
C ASN D 117 7.85 -3.85 15.10
N ASP D 118 7.62 -4.93 15.83
CA ASP D 118 8.47 -5.33 16.93
C ASP D 118 9.96 -5.30 16.53
N LEU D 119 10.26 -5.76 15.32
CA LEU D 119 11.64 -5.77 14.84
C LEU D 119 12.14 -4.34 14.73
N SER D 120 11.30 -3.46 14.19
CA SER D 120 11.66 -2.07 14.05
C SER D 120 11.88 -1.47 15.43
N TYR D 121 11.02 -1.84 16.37
CA TYR D 121 11.15 -1.31 17.72
C TYR D 121 12.49 -1.68 18.36
N PHE D 122 12.84 -2.96 18.36
CA PHE D 122 14.10 -3.41 18.95
C PHE D 122 15.32 -2.78 18.23
N ILE D 123 15.19 -2.56 16.92
CA ILE D 123 16.29 -1.95 16.19
C ILE D 123 16.44 -0.50 16.63
N SER D 124 15.32 0.19 16.79
CA SER D 124 15.35 1.58 17.21
C SER D 124 16.02 1.74 18.56
N GLN D 125 15.87 0.74 19.42
CA GLN D 125 16.47 0.79 20.75
C GLN D 125 17.93 0.35 20.78
N ASN D 126 18.45 -0.11 19.65
CA ASN D 126 19.83 -0.56 19.58
C ASN D 126 20.63 0.31 18.58
N LYS D 127 20.94 1.54 18.98
CA LYS D 127 21.68 2.47 18.11
C LYS D 127 22.96 1.84 17.57
N ASN D 128 23.65 1.08 18.42
CA ASN D 128 24.89 0.44 18.03
C ASN D 128 24.71 -0.52 16.86
N PHE D 129 23.66 -1.33 16.92
CA PHE D 129 23.41 -2.25 15.82
C PHE D 129 23.20 -1.42 14.56
N GLN D 130 22.46 -0.32 14.67
CA GLN D 130 22.19 0.55 13.54
C GLN D 130 23.47 1.08 12.90
N GLU D 131 24.40 1.56 13.71
CA GLU D 131 25.65 2.07 13.18
C GLU D 131 26.37 0.98 12.40
N LEU D 132 26.40 -0.22 12.98
CA LEU D 132 27.06 -1.35 12.33
C LEU D 132 26.36 -1.79 11.06
N TRP D 133 25.04 -1.84 11.07
CA TRP D 133 24.30 -2.26 9.90
C TRP D 133 24.44 -1.22 8.78
N ASP D 134 24.50 0.05 9.15
CA ASP D 134 24.66 1.10 8.15
C ASP D 134 26.05 1.03 7.55
N LYS D 135 27.04 0.86 8.41
CA LYS D 135 28.43 0.78 7.94
C LYS D 135 28.59 -0.37 6.96
N ALA D 136 27.90 -1.48 7.23
CA ALA D 136 27.97 -2.64 6.33
C ALA D 136 27.49 -2.22 4.94
N VAL D 137 26.40 -1.45 4.90
CA VAL D 137 25.87 -0.96 3.63
C VAL D 137 26.87 -0.03 2.99
N LYS D 138 27.45 0.85 3.81
CA LYS D 138 28.43 1.81 3.35
C LYS D 138 29.56 1.14 2.54
N LEU D 139 30.19 0.14 3.15
CA LEU D 139 31.29 -0.56 2.51
C LEU D 139 30.87 -1.40 1.30
N THR D 140 29.66 -1.96 1.35
CA THR D 140 29.18 -2.77 0.24
C THR D 140 28.96 -1.87 -0.96
N LYS D 141 28.61 -0.61 -0.70
CA LYS D 141 28.40 0.35 -1.76
C LYS D 141 29.74 0.72 -2.37
N GLU D 142 30.77 0.83 -1.54
CA GLU D 142 32.12 1.15 -1.99
C GLU D 142 32.65 -0.02 -2.82
N MET D 143 32.32 -1.22 -2.36
CA MET D 143 32.73 -2.44 -2.99
C MET D 143 32.05 -2.54 -4.36
N LYS D 144 30.89 -1.91 -4.46
CA LYS D 144 30.10 -1.89 -5.69
C LYS D 144 30.95 -1.26 -6.78
N ILE D 145 31.71 -0.24 -6.38
CA ILE D 145 32.62 0.47 -7.28
C ILE D 145 33.96 -0.26 -7.38
N LYS D 146 34.61 -0.48 -6.24
CA LYS D 146 35.91 -1.16 -6.18
C LYS D 146 36.03 -2.38 -7.09
N LEU D 147 34.95 -3.16 -7.21
CA LEU D 147 34.97 -4.35 -8.04
C LEU D 147 34.47 -4.06 -9.45
N LYS D 148 34.51 -2.80 -9.86
CA LYS D 148 34.01 -2.37 -11.17
C LYS D 148 34.47 -3.19 -12.38
N GLY D 149 35.77 -3.44 -12.49
CA GLY D 149 36.23 -4.19 -13.65
C GLY D 149 36.84 -5.53 -13.34
N GLN D 150 36.88 -5.89 -12.06
CA GLN D 150 37.47 -7.16 -11.66
C GLN D 150 36.72 -8.42 -12.13
N LYS D 151 37.46 -9.53 -12.15
CA LYS D 151 36.92 -10.82 -12.56
C LYS D 151 36.30 -11.47 -11.33
N LEU D 152 34.99 -11.66 -11.36
CA LEU D 152 34.31 -12.27 -10.24
C LEU D 152 33.78 -13.66 -10.55
N ASP D 153 34.65 -14.66 -10.42
CA ASP D 153 34.24 -16.03 -10.65
C ASP D 153 33.88 -16.56 -9.28
N LEU D 154 32.60 -16.46 -8.94
CA LEU D 154 32.13 -16.89 -7.64
C LEU D 154 31.60 -18.32 -7.66
N ARG D 155 31.88 -19.04 -8.72
CA ARG D 155 31.41 -20.42 -8.88
C ARG D 155 31.63 -21.37 -7.73
N ASP D 156 32.82 -21.32 -7.11
CA ASP D 156 33.12 -22.21 -6.00
C ASP D 156 32.92 -21.53 -4.65
N GLY D 157 32.30 -20.35 -4.68
CA GLY D 157 32.03 -19.60 -3.47
C GLY D 157 33.26 -19.35 -2.62
N GLU D 158 34.40 -19.11 -3.28
CA GLU D 158 35.64 -18.87 -2.56
C GLU D 158 36.16 -17.45 -2.75
N VAL D 159 35.97 -16.92 -3.95
CA VAL D 159 36.44 -15.58 -4.28
C VAL D 159 35.79 -14.47 -3.46
N ALA D 160 34.48 -14.59 -3.24
CA ALA D 160 33.74 -13.59 -2.48
C ALA D 160 34.39 -13.28 -1.13
N ILE D 161 34.71 -14.33 -0.37
CA ILE D 161 35.31 -14.14 0.94
C ILE D 161 36.68 -13.49 0.80
N ASN D 162 37.44 -13.93 -0.19
CA ASN D 162 38.76 -13.38 -0.43
C ASN D 162 38.72 -11.90 -0.72
N LYS D 163 37.79 -11.51 -1.59
CA LYS D 163 37.63 -10.11 -1.95
C LYS D 163 37.32 -9.29 -0.70
N VAL D 164 36.43 -9.79 0.14
CA VAL D 164 36.06 -9.07 1.36
C VAL D 164 37.29 -8.94 2.27
N ARG D 165 38.12 -9.98 2.32
CA ARG D 165 39.32 -9.96 3.14
C ARG D 165 40.37 -9.05 2.50
N GLU D 166 40.36 -9.02 1.18
CA GLU D 166 41.29 -8.18 0.43
C GLU D 166 41.00 -6.70 0.60
N LEU D 167 39.75 -6.30 0.42
CA LEU D 167 39.39 -4.89 0.54
C LEU D 167 39.12 -4.37 1.94
N PHE D 168 38.60 -5.21 2.82
CA PHE D 168 38.30 -4.75 4.17
C PHE D 168 38.76 -5.69 5.28
N GLY D 169 39.50 -6.73 4.90
CA GLY D 169 39.98 -7.69 5.88
C GLY D 169 40.78 -7.13 7.05
N SER D 170 40.92 -5.81 7.13
CA SER D 170 41.65 -5.20 8.24
C SER D 170 40.73 -4.34 9.09
N ASP D 171 39.47 -4.26 8.68
CA ASP D 171 38.48 -3.48 9.40
C ASP D 171 38.08 -4.24 10.66
N LYS D 172 38.30 -3.62 11.82
CA LYS D 172 37.99 -4.24 13.09
C LYS D 172 36.68 -5.03 13.06
N ASN D 173 35.64 -4.40 12.53
CA ASN D 173 34.34 -5.02 12.44
C ASN D 173 34.29 -6.25 11.53
N VAL D 174 35.14 -6.30 10.51
CA VAL D 174 35.14 -7.46 9.61
C VAL D 174 35.90 -8.63 10.20
N LYS D 175 36.77 -8.36 11.15
CA LYS D 175 37.53 -9.42 11.81
C LYS D 175 36.70 -9.98 12.95
N GLU D 176 36.18 -9.08 13.77
CA GLU D 176 35.40 -9.45 14.95
C GLU D 176 33.98 -9.98 14.80
N LEU D 177 33.18 -9.37 13.94
CA LEU D 177 31.79 -9.79 13.78
C LEU D 177 31.52 -10.65 12.55
N TRP D 178 31.12 -11.90 12.76
CA TRP D 178 30.83 -12.81 11.65
C TRP D 178 29.66 -12.29 10.84
N TRP D 179 28.59 -11.85 11.52
CA TRP D 179 27.43 -11.35 10.81
C TRP D 179 27.76 -10.17 9.90
N PHE D 180 28.64 -9.28 10.38
CA PHE D 180 29.03 -8.11 9.60
C PHE D 180 29.82 -8.54 8.36
N ARG D 181 30.81 -9.40 8.55
CA ARG D 181 31.60 -9.87 7.43
C ARG D 181 30.70 -10.59 6.43
N SER D 182 29.68 -11.27 6.94
CA SER D 182 28.76 -12.00 6.09
C SER D 182 27.88 -11.10 5.23
N LEU D 183 27.54 -9.93 5.76
CA LEU D 183 26.71 -8.98 5.04
C LEU D 183 27.52 -8.52 3.83
N LEU D 184 28.83 -8.41 4.00
CA LEU D 184 29.71 -8.01 2.91
C LEU D 184 29.92 -9.17 1.96
N VAL D 185 30.10 -10.38 2.48
CA VAL D 185 30.29 -11.52 1.59
C VAL D 185 29.01 -11.67 0.80
N LYS D 186 27.89 -11.50 1.49
CA LYS D 186 26.59 -11.61 0.83
C LYS D 186 26.50 -10.51 -0.20
N GLY D 187 27.04 -9.35 0.15
CA GLY D 187 27.03 -8.21 -0.75
C GLY D 187 27.72 -8.41 -2.10
N VAL D 188 28.87 -9.07 -2.13
CA VAL D 188 29.56 -9.26 -3.41
C VAL D 188 28.78 -10.13 -4.38
N TYR D 189 28.00 -11.08 -3.87
CA TYR D 189 27.20 -11.92 -4.76
C TYR D 189 26.14 -11.03 -5.39
N LEU D 190 25.65 -10.06 -4.62
CA LEU D 190 24.65 -9.12 -5.10
C LEU D 190 25.26 -8.20 -6.15
N ILE D 191 26.44 -7.65 -5.86
CA ILE D 191 27.10 -6.77 -6.81
C ILE D 191 27.29 -7.52 -8.12
N LYS D 192 27.72 -8.77 -8.04
CA LYS D 192 27.94 -9.60 -9.22
C LYS D 192 26.68 -9.64 -10.06
N ARG D 193 25.56 -9.90 -9.40
CA ARG D 193 24.29 -9.97 -10.08
C ARG D 193 23.91 -8.62 -10.69
N TYR D 194 24.29 -7.54 -10.00
CA TYR D 194 24.00 -6.20 -10.48
C TYR D 194 24.67 -6.00 -11.83
N TYR D 195 25.96 -6.35 -11.89
CA TYR D 195 26.76 -6.24 -13.10
C TYR D 195 26.18 -7.01 -14.26
N GLU D 196 25.59 -8.16 -13.99
CA GLU D 196 25.01 -8.99 -15.04
C GLU D 196 23.67 -8.46 -15.47
N GLY D 197 23.32 -7.28 -14.96
CA GLY D 197 22.06 -6.66 -15.34
C GLY D 197 20.83 -7.07 -14.56
N ASP D 198 21.01 -7.76 -13.44
CA ASP D 198 19.87 -8.17 -12.64
C ASP D 198 19.11 -6.91 -12.23
N ILE D 199 17.79 -6.92 -12.38
CA ILE D 199 17.04 -5.73 -12.00
C ILE D 199 16.19 -5.86 -10.75
N GLU D 200 15.95 -7.09 -10.28
CA GLU D 200 15.12 -7.28 -9.10
C GLU D 200 15.82 -7.03 -7.76
N LEU D 201 17.15 -7.01 -7.76
CA LEU D 201 17.94 -6.79 -6.55
C LEU D 201 17.32 -6.04 -5.36
N LYS D 202 16.77 -4.84 -5.58
CA LYS D 202 16.19 -4.05 -4.49
C LYS D 202 15.08 -4.75 -3.73
N THR D 203 14.37 -5.64 -4.40
CA THR D 203 13.26 -6.36 -3.79
C THR D 203 13.75 -7.64 -3.12
N THR D 204 15.04 -7.92 -3.25
CA THR D 204 15.60 -9.14 -2.70
C THR D 204 15.65 -9.16 -1.16
N SER D 205 15.90 -8.01 -0.53
CA SER D 205 15.97 -7.91 0.92
C SER D 205 16.17 -6.47 1.33
N ASP D 206 15.97 -6.17 2.61
CA ASP D 206 16.15 -4.82 3.11
C ASP D 206 17.60 -4.39 2.85
N PHE D 207 18.52 -5.33 3.05
CA PHE D 207 19.94 -5.06 2.83
C PHE D 207 20.19 -4.69 1.36
N ALA D 208 19.73 -5.56 0.46
CA ALA D 208 19.89 -5.32 -0.97
C ALA D 208 19.24 -4.01 -1.37
N LYS D 209 18.11 -3.69 -0.76
CA LYS D 209 17.43 -2.44 -1.06
C LYS D 209 18.27 -1.26 -0.58
N ALA D 210 18.72 -1.32 0.66
CA ALA D 210 19.53 -0.26 1.24
C ALA D 210 20.81 -0.05 0.44
N VAL D 211 21.36 -1.13 -0.10
CA VAL D 211 22.60 -1.07 -0.87
C VAL D 211 22.43 -0.48 -2.26
N PHE D 212 21.51 -1.06 -3.02
CA PHE D 212 21.28 -0.62 -4.39
C PHE D 212 20.26 0.50 -4.55
N GLU D 213 19.98 1.21 -3.46
CA GLU D 213 19.01 2.31 -3.54
C GLU D 213 19.78 3.63 -3.56
N ASP D 214 19.98 4.14 -4.77
CA ASP D 214 20.70 5.37 -4.98
C ASP D 214 22.13 5.20 -4.43
N LYS E 1 -18.14 19.59 -41.95
CA LYS E 1 -18.25 20.39 -40.69
C LYS E 1 -17.64 19.65 -39.49
N GLU E 2 -16.40 20.02 -39.16
CA GLU E 2 -15.62 19.43 -38.08
C GLU E 2 -15.82 20.13 -36.73
N GLU E 3 -15.89 19.35 -35.66
CA GLU E 3 -16.10 19.94 -34.34
C GLU E 3 -14.88 19.95 -33.43
N HIS E 4 -14.03 18.92 -33.50
CA HIS E 4 -12.86 18.90 -32.64
C HIS E 4 -11.65 18.24 -33.27
N VAL E 5 -10.48 18.55 -32.74
CA VAL E 5 -9.25 17.98 -33.25
C VAL E 5 -8.31 17.71 -32.12
N ILE E 6 -7.87 16.47 -31.99
CA ILE E 6 -6.90 16.13 -30.97
C ILE E 6 -5.64 15.76 -31.73
N ILE E 7 -4.55 16.47 -31.48
CA ILE E 7 -3.30 16.20 -32.19
C ILE E 7 -2.17 15.72 -31.30
N GLN E 8 -1.54 14.63 -31.71
CA GLN E 8 -0.40 14.13 -30.97
C GLN E 8 0.76 14.62 -31.82
N ALA E 9 1.52 15.57 -31.31
CA ALA E 9 2.65 16.10 -32.09
C ALA E 9 3.98 15.93 -31.40
N GLU E 10 4.96 15.50 -32.16
CA GLU E 10 6.29 15.31 -31.62
C GLU E 10 7.32 15.76 -32.62
N PHE E 11 8.48 16.19 -32.15
CA PHE E 11 9.53 16.61 -33.06
C PHE E 11 10.89 16.39 -32.46
N TYR E 12 11.90 16.32 -33.33
CA TYR E 12 13.29 16.15 -32.91
C TYR E 12 14.11 17.09 -33.78
N LEU E 13 14.94 17.93 -33.15
CA LEU E 13 15.76 18.90 -33.86
C LEU E 13 17.27 18.78 -33.69
N ASN E 14 17.99 18.73 -34.82
CA ASN E 14 19.46 18.65 -34.81
C ASN E 14 20.06 19.99 -35.25
N PRO E 15 21.28 20.32 -34.77
CA PRO E 15 22.16 19.56 -33.87
C PRO E 15 21.85 19.77 -32.39
N ASP E 16 20.79 20.52 -32.11
CA ASP E 16 20.40 20.80 -30.73
C ASP E 16 20.09 19.56 -29.88
N GLN E 17 19.61 18.51 -30.53
CA GLN E 17 19.24 17.28 -29.84
C GLN E 17 18.11 17.59 -28.86
N SER E 18 17.11 18.30 -29.36
CA SER E 18 15.94 18.68 -28.57
C SER E 18 14.69 18.02 -29.15
N GLY E 19 13.88 17.41 -28.29
CA GLY E 19 12.67 16.76 -28.76
C GLY E 19 11.46 17.24 -27.99
N GLU E 20 10.27 16.84 -28.44
CA GLU E 20 9.04 17.23 -27.77
C GLU E 20 7.94 16.22 -28.06
N PHE E 21 7.15 15.90 -27.03
CA PHE E 21 6.03 14.98 -27.20
C PHE E 21 4.87 15.68 -26.53
N MSE E 22 3.83 15.96 -27.29
CA MSE E 22 2.69 16.69 -26.74
C MSE E 22 1.34 16.36 -27.34
O MSE E 22 1.25 15.92 -28.48
CB MSE E 22 3.00 18.19 -26.88
CG MSE E 22 1.80 19.12 -26.83
SE MSE E 22 1.24 19.68 -28.60
CE MSE E 22 3.01 20.11 -29.23
N PHE E 23 0.28 16.54 -26.54
CA PHE E 23 -1.08 16.32 -27.00
C PHE E 23 -1.76 17.67 -27.04
N ASP E 24 -2.48 17.90 -28.14
CA ASP E 24 -3.12 19.16 -28.43
C ASP E 24 -4.63 19.02 -28.67
N PHE E 25 -5.44 19.82 -27.99
CA PHE E 25 -6.89 19.78 -28.15
C PHE E 25 -7.46 21.12 -28.58
N ASP E 26 -7.96 21.16 -29.81
CA ASP E 26 -8.54 22.37 -30.36
C ASP E 26 -7.63 23.57 -30.20
N GLY E 27 -6.32 23.33 -30.31
CA GLY E 27 -5.39 24.43 -30.21
C GLY E 27 -4.65 24.58 -28.89
N ASP E 28 -5.25 24.12 -27.81
CA ASP E 28 -4.64 24.22 -26.49
C ASP E 28 -3.94 22.91 -26.09
N GLU E 29 -2.84 23.04 -25.35
CA GLU E 29 -2.09 21.88 -24.93
C GLU E 29 -2.77 21.15 -23.77
N ILE E 30 -2.86 19.83 -23.87
CA ILE E 30 -3.47 19.04 -22.80
C ILE E 30 -2.34 18.70 -21.83
N PHE E 31 -1.23 18.25 -22.39
CA PHE E 31 -0.04 17.88 -21.62
C PHE E 31 1.13 17.68 -22.55
N HIS E 32 2.28 17.43 -21.97
CA HIS E 32 3.48 17.16 -22.74
C HIS E 32 4.39 16.36 -21.81
N VAL E 33 5.39 15.71 -22.38
CA VAL E 33 6.31 14.92 -21.59
C VAL E 33 7.63 15.63 -21.53
N ASP E 34 8.07 15.96 -20.32
CA ASP E 34 9.33 16.62 -20.12
C ASP E 34 10.37 15.55 -20.46
N MSE E 35 11.17 15.77 -21.50
CA MSE E 35 12.14 14.77 -21.90
C MSE E 35 13.25 14.50 -20.89
O MSE E 35 13.60 13.34 -20.65
CB MSE E 35 12.73 15.10 -23.28
CG MSE E 35 11.75 14.90 -24.43
SE MSE E 35 10.98 13.10 -24.47
CE MSE E 35 9.10 13.57 -24.53
N ALA E 36 13.80 15.55 -20.29
CA ALA E 36 14.87 15.39 -19.30
C ALA E 36 14.46 14.51 -18.13
N LYS E 37 13.30 14.80 -17.54
CA LYS E 37 12.77 14.07 -16.39
C LYS E 37 11.92 12.88 -16.79
N LYS E 38 11.57 12.81 -18.07
CA LYS E 38 10.75 11.72 -18.59
C LYS E 38 9.47 11.60 -17.77
N GLU E 39 8.64 12.63 -17.78
CA GLU E 39 7.41 12.58 -17.02
C GLU E 39 6.32 13.51 -17.57
N THR E 40 5.08 13.04 -17.52
CA THR E 40 3.94 13.80 -18.01
C THR E 40 3.64 15.05 -17.18
N VAL E 41 3.48 16.17 -17.86
CA VAL E 41 3.14 17.41 -17.18
C VAL E 41 1.94 17.97 -17.90
N TRP E 42 0.87 18.20 -17.14
CA TRP E 42 -0.40 18.70 -17.67
C TRP E 42 -0.42 20.21 -17.77
N ARG E 43 -1.14 20.74 -18.76
CA ARG E 43 -1.21 22.18 -18.93
C ARG E 43 -2.01 22.86 -17.81
N LEU E 44 -2.85 22.08 -17.13
CA LEU E 44 -3.65 22.57 -16.00
C LEU E 44 -3.68 21.43 -14.98
N GLU E 45 -3.17 21.66 -13.79
CA GLU E 45 -3.11 20.62 -12.74
C GLU E 45 -4.37 19.77 -12.67
N GLU E 46 -5.52 20.42 -12.77
CA GLU E 46 -6.79 19.74 -12.72
C GLU E 46 -6.82 18.54 -13.69
N PHE E 47 -6.27 18.71 -14.89
CA PHE E 47 -6.24 17.64 -15.90
C PHE E 47 -5.66 16.33 -15.37
N GLY E 48 -4.62 16.41 -14.56
CA GLY E 48 -3.99 15.22 -14.02
C GLY E 48 -4.86 14.44 -13.05
N ARG E 49 -5.86 15.11 -12.48
CA ARG E 49 -6.75 14.47 -11.54
C ARG E 49 -7.87 13.72 -12.24
N PHE E 50 -7.77 13.56 -13.56
CA PHE E 50 -8.83 12.87 -14.30
C PHE E 50 -8.29 11.99 -15.42
N ALA E 51 -7.01 12.14 -15.72
CA ALA E 51 -6.40 11.38 -16.79
C ALA E 51 -4.94 11.12 -16.52
N SER E 52 -4.35 10.22 -17.29
CA SER E 52 -2.95 9.88 -17.12
C SER E 52 -2.34 9.53 -18.46
N PHE E 53 -1.02 9.37 -18.46
CA PHE E 53 -0.28 9.01 -19.66
C PHE E 53 1.07 8.42 -19.23
N GLU E 54 1.48 7.35 -19.91
CA GLU E 54 2.75 6.69 -19.61
C GLU E 54 3.88 7.46 -20.29
N ALA E 55 4.59 8.28 -19.51
CA ALA E 55 5.69 9.07 -20.07
C ALA E 55 6.67 8.20 -20.84
N GLN E 56 6.85 6.97 -20.36
CA GLN E 56 7.75 6.00 -20.99
C GLN E 56 7.44 5.81 -22.48
N GLY E 57 6.17 5.88 -22.85
CA GLY E 57 5.80 5.71 -24.25
C GLY E 57 6.33 6.82 -25.12
N ALA E 58 6.34 8.04 -24.59
CA ALA E 58 6.84 9.18 -25.32
C ALA E 58 8.32 8.98 -25.55
N LEU E 59 9.03 8.50 -24.54
CA LEU E 59 10.46 8.27 -24.68
C LEU E 59 10.72 7.35 -25.86
N ALA E 60 9.90 6.30 -25.99
CA ALA E 60 10.01 5.33 -27.07
C ALA E 60 9.88 6.02 -28.43
N ASN E 61 8.85 6.85 -28.56
CA ASN E 61 8.61 7.55 -29.80
C ASN E 61 9.69 8.58 -30.14
N ILE E 62 10.10 9.38 -29.17
CA ILE E 62 11.14 10.37 -29.41
C ILE E 62 12.45 9.64 -29.76
N ALA E 63 12.64 8.44 -29.22
CA ALA E 63 13.85 7.65 -29.49
C ALA E 63 13.93 7.28 -30.97
N VAL E 64 12.79 6.87 -31.53
CA VAL E 64 12.70 6.48 -32.92
C VAL E 64 12.80 7.73 -33.81
N ASP E 65 12.09 8.78 -33.41
CA ASP E 65 12.09 10.04 -34.16
C ASP E 65 13.53 10.49 -34.39
N LYS E 66 14.34 10.41 -33.36
CA LYS E 66 15.73 10.82 -33.48
C LYS E 66 16.37 10.04 -34.62
N ALA E 67 16.25 8.71 -34.58
CA ALA E 67 16.84 7.86 -35.61
C ALA E 67 16.33 8.23 -37.00
N ASN E 68 15.05 8.57 -37.09
CA ASN E 68 14.48 8.95 -38.36
C ASN E 68 15.06 10.27 -38.84
N LEU E 69 15.21 11.24 -37.94
CA LEU E 69 15.75 12.53 -38.33
C LEU E 69 17.08 12.36 -39.06
N GLU E 70 17.91 11.43 -38.60
CA GLU E 70 19.20 11.19 -39.24
C GLU E 70 18.99 10.60 -40.61
N ILE E 71 18.13 9.60 -40.68
CA ILE E 71 17.81 8.97 -41.95
C ILE E 71 17.32 10.01 -42.96
N MSE E 72 16.37 10.85 -42.58
CA MSE E 72 15.87 11.85 -43.51
C MSE E 72 16.87 12.91 -43.89
O MSE E 72 16.94 13.31 -45.05
CB MSE E 72 14.61 12.53 -42.97
CG MSE E 72 13.31 11.92 -43.49
SE MSE E 72 12.97 12.10 -45.40
CE MSE E 72 11.27 11.16 -45.48
N THR E 73 17.64 13.41 -42.93
CA THR E 73 18.63 14.44 -43.23
C THR E 73 19.53 13.95 -44.35
N LYS E 74 20.02 12.72 -44.20
CA LYS E 74 20.89 12.12 -45.19
C LYS E 74 20.13 11.98 -46.51
N ARG E 75 19.02 11.24 -46.48
CA ARG E 75 18.23 11.02 -47.68
C ARG E 75 17.90 12.32 -48.42
N SER E 76 17.87 13.44 -47.70
CA SER E 76 17.56 14.74 -48.30
C SER E 76 18.86 15.39 -48.70
N ASN E 77 19.95 14.65 -48.60
CA ASN E 77 21.25 15.20 -48.94
C ASN E 77 21.56 16.43 -48.10
N TYR E 78 21.32 16.29 -46.80
CA TYR E 78 21.56 17.34 -45.80
C TYR E 78 20.98 18.72 -46.10
N THR E 79 19.70 18.75 -46.48
CA THR E 79 19.00 20.00 -46.75
C THR E 79 18.57 20.57 -45.40
N PRO E 80 19.09 21.75 -45.04
CA PRO E 80 18.77 22.41 -43.77
C PRO E 80 17.43 23.12 -43.84
N ILE E 81 16.80 23.32 -42.70
CA ILE E 81 15.52 23.99 -42.65
C ILE E 81 15.75 25.49 -42.83
N THR E 82 14.77 26.20 -43.34
CA THR E 82 14.93 27.63 -43.52
C THR E 82 14.31 28.36 -42.34
N ASN E 83 15.14 29.11 -41.61
CA ASN E 83 14.62 29.88 -40.46
C ASN E 83 13.45 30.76 -40.85
N VAL E 84 12.44 30.81 -40.01
CA VAL E 84 11.29 31.67 -40.25
C VAL E 84 11.07 32.40 -38.94
N PRO E 85 11.44 33.68 -38.90
CA PRO E 85 11.32 34.53 -37.70
C PRO E 85 9.92 34.57 -37.12
N PRO E 86 9.83 34.65 -35.79
CA PRO E 86 8.54 34.71 -35.10
C PRO E 86 7.90 36.10 -35.16
N GLU E 87 6.59 36.13 -34.98
CA GLU E 87 5.82 37.35 -34.95
C GLU E 87 5.47 37.54 -33.47
N VAL E 88 6.13 38.48 -32.81
CA VAL E 88 5.87 38.71 -31.39
C VAL E 88 4.81 39.76 -31.10
N THR E 89 4.00 39.49 -30.09
CA THR E 89 2.93 40.39 -29.67
C THR E 89 2.77 40.30 -28.14
N VAL E 90 2.32 41.37 -27.52
CA VAL E 90 2.16 41.39 -26.07
C VAL E 90 0.84 42.03 -25.64
N LEU E 91 0.04 41.30 -24.89
CA LEU E 91 -1.26 41.80 -24.41
C LEU E 91 -1.49 41.39 -22.98
N THR E 92 -2.52 41.96 -22.37
CA THR E 92 -2.84 41.62 -20.99
C THR E 92 -3.95 40.56 -21.03
N ASN E 93 -4.13 39.89 -19.89
CA ASN E 93 -5.11 38.82 -19.72
C ASN E 93 -6.53 39.38 -19.79
N SER E 94 -6.72 40.52 -19.13
CA SER E 94 -8.00 41.23 -19.07
C SER E 94 -7.64 42.71 -18.94
N PRO E 95 -8.64 43.61 -19.11
CA PRO E 95 -8.36 45.04 -18.98
C PRO E 95 -7.58 45.40 -17.71
N VAL E 96 -6.57 46.26 -17.86
CA VAL E 96 -5.70 46.68 -16.77
C VAL E 96 -6.32 47.72 -15.85
N GLU E 97 -6.06 47.58 -14.56
CA GLU E 97 -6.56 48.51 -13.55
C GLU E 97 -5.48 48.62 -12.47
N LEU E 98 -5.14 49.85 -12.11
CA LEU E 98 -4.12 50.12 -11.08
C LEU E 98 -4.12 49.14 -9.90
N ARG E 99 -2.98 48.53 -9.62
CA ARG E 99 -2.83 47.61 -8.49
C ARG E 99 -3.70 46.36 -8.46
N GLU E 100 -4.44 46.09 -9.54
CA GLU E 100 -5.28 44.91 -9.61
C GLU E 100 -4.57 43.78 -10.32
N PRO E 101 -4.20 42.70 -9.61
CA PRO E 101 -3.52 41.60 -10.27
C PRO E 101 -4.00 41.31 -11.69
N ASN E 102 -3.05 41.06 -12.59
CA ASN E 102 -3.32 40.79 -13.99
C ASN E 102 -2.16 39.98 -14.56
N VAL E 103 -2.25 39.60 -15.83
CA VAL E 103 -1.19 38.82 -16.45
C VAL E 103 -0.79 39.34 -17.83
N LEU E 104 0.50 39.32 -18.11
CA LEU E 104 1.02 39.76 -19.40
C LEU E 104 1.22 38.50 -20.26
N ILE E 105 0.78 38.55 -21.51
CA ILE E 105 0.93 37.40 -22.40
C ILE E 105 1.78 37.75 -23.62
N CYS E 106 2.85 36.99 -23.81
CA CYS E 106 3.73 37.20 -24.96
C CYS E 106 3.46 36.08 -25.98
N PHE E 107 2.86 36.45 -27.11
CA PHE E 107 2.54 35.49 -28.18
C PHE E 107 3.66 35.47 -29.21
N ILE E 108 4.35 34.35 -29.30
CA ILE E 108 5.43 34.17 -30.25
C ILE E 108 4.85 33.24 -31.32
N ASP E 109 4.54 33.78 -32.49
CA ASP E 109 3.89 32.98 -33.54
C ASP E 109 4.62 32.87 -34.87
N LYS E 110 4.21 31.87 -35.66
CA LYS E 110 4.73 31.59 -37.01
C LYS E 110 6.23 31.50 -37.16
N PHE E 111 6.85 30.53 -36.51
CA PHE E 111 8.29 30.43 -36.62
C PHE E 111 8.79 29.00 -36.62
N THR E 112 10.09 28.89 -36.86
CA THR E 112 10.79 27.61 -36.90
C THR E 112 12.26 27.92 -37.21
N PRO E 113 13.18 27.07 -36.75
CA PRO E 113 12.90 25.85 -35.98
C PRO E 113 12.38 26.15 -34.57
N PRO E 114 11.89 25.11 -33.86
CA PRO E 114 11.37 25.27 -32.50
C PRO E 114 12.43 25.55 -31.44
N VAL E 115 13.16 26.65 -31.62
CA VAL E 115 14.18 27.07 -30.65
C VAL E 115 14.03 28.56 -30.54
N VAL E 116 13.80 29.06 -29.32
CA VAL E 116 13.62 30.48 -29.11
C VAL E 116 13.94 30.91 -27.68
N ASN E 117 14.70 32.00 -27.54
CA ASN E 117 15.10 32.55 -26.24
C ASN E 117 14.18 33.70 -25.84
N VAL E 118 13.46 33.56 -24.73
CA VAL E 118 12.55 34.60 -24.28
C VAL E 118 12.93 35.18 -22.93
N THR E 119 12.80 36.49 -22.79
CA THR E 119 13.14 37.15 -21.53
C THR E 119 12.17 38.29 -21.23
N TRP E 120 11.70 38.35 -19.99
CA TRP E 120 10.78 39.42 -19.56
C TRP E 120 11.60 40.51 -18.91
N LEU E 121 11.28 41.76 -19.21
CA LEU E 121 12.00 42.88 -18.63
C LEU E 121 11.04 43.92 -18.04
N ARG E 122 11.42 44.48 -16.89
CA ARG E 122 10.65 45.52 -16.24
C ARG E 122 11.63 46.67 -15.98
N ASN E 123 11.45 47.75 -16.72
CA ASN E 123 12.31 48.92 -16.61
C ASN E 123 13.77 48.51 -16.80
N GLY E 124 14.01 47.58 -17.71
CA GLY E 124 15.36 47.14 -17.99
C GLY E 124 15.88 46.00 -17.14
N LYS E 125 15.12 45.58 -16.13
CA LYS E 125 15.55 44.50 -15.27
C LYS E 125 14.83 43.20 -15.63
N PRO E 126 15.60 42.10 -15.82
CA PRO E 126 14.99 40.81 -16.16
C PRO E 126 14.13 40.32 -15.01
N VAL E 127 12.88 39.99 -15.30
CA VAL E 127 11.94 39.50 -14.30
C VAL E 127 11.79 38.00 -14.42
N THR E 128 11.53 37.32 -13.31
CA THR E 128 11.35 35.88 -13.35
C THR E 128 10.27 35.36 -12.43
N THR E 129 10.41 35.59 -11.14
CA THR E 129 9.40 35.08 -10.23
C THR E 129 8.00 35.28 -10.82
N GLY E 130 7.26 34.19 -10.93
CA GLY E 130 5.91 34.24 -11.46
C GLY E 130 5.74 33.76 -12.88
N VAL E 131 6.78 33.92 -13.70
CA VAL E 131 6.75 33.53 -15.10
C VAL E 131 6.48 32.05 -15.35
N SER E 132 5.96 31.77 -16.54
CA SER E 132 5.64 30.42 -16.98
C SER E 132 5.57 30.45 -18.49
N GLU E 133 5.41 29.29 -19.10
CA GLU E 133 5.36 29.22 -20.55
C GLU E 133 4.85 27.89 -21.05
N THR E 134 4.24 27.91 -22.23
CA THR E 134 3.73 26.68 -22.85
C THR E 134 4.86 26.09 -23.68
N VAL E 135 4.79 24.79 -23.93
CA VAL E 135 5.81 24.14 -24.75
C VAL E 135 5.53 24.58 -26.21
N PHE E 136 6.30 24.10 -27.17
CA PHE E 136 6.08 24.49 -28.57
C PHE E 136 4.81 23.91 -29.16
N LEU E 137 3.85 24.79 -29.49
CA LEU E 137 2.59 24.35 -30.05
C LEU E 137 2.70 24.27 -31.57
N PRO E 138 2.10 23.24 -32.17
CA PRO E 138 2.13 23.03 -33.63
C PRO E 138 1.10 23.88 -34.39
N ARG E 139 1.44 24.23 -35.63
CA ARG E 139 0.56 25.01 -36.51
C ARG E 139 0.30 24.19 -37.77
N GLU E 140 -0.84 24.42 -38.42
CA GLU E 140 -1.17 23.68 -39.64
C GLU E 140 -0.18 23.87 -40.76
N ASP E 141 0.60 24.94 -40.70
CA ASP E 141 1.58 25.21 -41.74
C ASP E 141 2.92 24.63 -41.35
N HIS E 142 2.91 23.85 -40.27
CA HIS E 142 4.09 23.19 -39.76
C HIS E 142 5.15 24.11 -39.16
N LEU E 143 4.70 25.26 -38.66
CA LEU E 143 5.57 26.22 -37.98
C LEU E 143 5.12 26.09 -36.52
N PHE E 144 5.52 26.99 -35.65
CA PHE E 144 5.12 26.85 -34.24
C PHE E 144 4.60 28.11 -33.55
N ARG E 145 3.91 27.88 -32.43
CA ARG E 145 3.38 28.94 -31.58
C ARG E 145 3.94 28.66 -30.20
N LYS E 146 4.03 29.70 -29.37
CA LYS E 146 4.54 29.57 -28.02
C LYS E 146 4.02 30.74 -27.24
N PHE E 147 3.71 30.52 -25.97
CA PHE E 147 3.22 31.58 -25.10
C PHE E 147 4.09 31.64 -23.87
N HIS E 148 4.33 32.86 -23.38
CA HIS E 148 5.08 33.06 -22.14
C HIS E 148 4.20 33.98 -21.32
N TYR E 149 4.20 33.78 -20.00
CA TYR E 149 3.37 34.59 -19.12
C TYR E 149 4.13 35.26 -17.98
N LEU E 150 3.63 36.43 -17.57
CA LEU E 150 4.23 37.19 -16.49
C LEU E 150 3.10 37.80 -15.67
N PRO E 151 2.81 37.24 -14.50
CA PRO E 151 1.74 37.83 -13.70
C PRO E 151 2.32 39.14 -13.18
N PHE E 152 1.50 40.17 -13.03
CA PHE E 152 2.03 41.45 -12.56
C PHE E 152 0.99 42.35 -11.92
N LEU E 153 1.49 43.38 -11.24
CA LEU E 153 0.64 44.34 -10.60
C LEU E 153 0.77 45.65 -11.35
N PRO E 154 -0.28 46.04 -12.09
CA PRO E 154 -0.30 47.28 -12.87
C PRO E 154 0.15 48.50 -12.07
N SER E 155 0.83 49.41 -12.74
CA SER E 155 1.31 50.63 -12.09
C SER E 155 1.70 51.66 -13.13
N THR E 156 1.43 52.92 -12.83
CA THR E 156 1.74 54.01 -13.74
C THR E 156 3.24 54.36 -13.76
N GLU E 157 4.11 53.44 -13.37
CA GLU E 157 5.54 53.72 -13.39
C GLU E 157 6.41 52.54 -13.79
N ASP E 158 5.89 51.67 -14.64
CA ASP E 158 6.63 50.52 -15.12
C ASP E 158 6.46 50.35 -16.60
N VAL E 159 7.52 49.91 -17.26
CA VAL E 159 7.45 49.63 -18.68
C VAL E 159 8.04 48.25 -18.83
N TYR E 160 7.23 47.31 -19.31
CA TYR E 160 7.71 45.95 -19.51
C TYR E 160 7.89 45.75 -21.00
N ASP E 161 8.59 44.68 -21.32
CA ASP E 161 8.76 44.29 -22.70
C ASP E 161 9.26 42.86 -22.74
N CYS E 162 8.76 42.13 -23.74
CA CYS E 162 9.09 40.75 -23.96
C CYS E 162 10.20 40.72 -25.01
N ARG E 163 11.34 40.14 -24.67
CA ARG E 163 12.45 40.06 -25.61
C ARG E 163 12.53 38.66 -26.21
N VAL E 164 12.41 38.59 -27.54
CA VAL E 164 12.45 37.32 -28.21
C VAL E 164 13.64 37.19 -29.16
N GLU E 165 14.40 36.13 -29.01
CA GLU E 165 15.56 35.89 -29.86
C GLU E 165 15.38 34.61 -30.65
N HIS E 166 15.55 34.70 -31.97
CA HIS E 166 15.38 33.55 -32.85
C HIS E 166 16.32 33.70 -34.04
N TRP E 167 16.83 32.59 -34.55
CA TRP E 167 17.75 32.64 -35.67
C TRP E 167 17.22 33.39 -36.89
N GLY E 168 15.91 33.36 -37.09
CA GLY E 168 15.33 34.05 -38.22
C GLY E 168 15.31 35.55 -38.08
N LEU E 169 15.84 36.06 -36.97
CA LEU E 169 15.84 37.50 -36.73
C LEU E 169 17.23 38.09 -36.85
N ASP E 170 17.30 39.36 -37.25
CA ASP E 170 18.59 40.02 -37.39
C ASP E 170 19.09 40.42 -36.01
N GLU E 171 18.18 40.99 -35.22
CA GLU E 171 18.52 41.43 -33.87
C GLU E 171 17.37 41.02 -32.96
N PRO E 172 17.63 40.94 -31.66
CA PRO E 172 16.60 40.55 -30.69
C PRO E 172 15.37 41.41 -30.86
N LEU E 173 14.21 40.77 -31.00
CA LEU E 173 12.95 41.48 -31.15
C LEU E 173 12.54 41.90 -29.75
N LEU E 174 12.13 43.15 -29.60
CA LEU E 174 11.76 43.66 -28.29
C LEU E 174 10.40 44.38 -28.25
N LYS E 175 9.34 43.63 -27.91
CA LYS E 175 7.99 44.18 -27.82
C LYS E 175 7.74 44.84 -26.48
N HIS E 176 7.27 46.08 -26.53
CA HIS E 176 7.01 46.94 -25.38
C HIS E 176 5.59 46.83 -24.84
N TRP E 177 5.42 47.22 -23.59
CA TRP E 177 4.12 47.27 -22.91
C TRP E 177 4.24 48.15 -21.69
N GLU E 178 3.23 48.99 -21.46
CA GLU E 178 3.19 49.90 -20.33
C GLU E 178 1.83 50.57 -20.28
N PHE E 179 0.76 49.78 -20.12
CA PHE E 179 -0.63 50.28 -20.09
C PHE E 179 -1.00 51.33 -21.16
N ASP E 180 -0.39 52.51 -21.05
CA ASP E 180 -0.59 53.65 -21.96
C ASP E 180 0.77 54.29 -22.25
N GLY F 1 24.16 33.86 -32.93
CA GLY F 1 25.45 33.32 -32.40
C GLY F 1 25.76 31.95 -32.97
N ASP F 2 24.76 31.07 -32.95
CA ASP F 2 24.93 29.74 -33.49
C ASP F 2 24.57 29.82 -34.98
N THR F 3 25.55 29.55 -35.83
CA THR F 3 25.34 29.65 -37.27
C THR F 3 25.19 28.29 -37.95
N ARG F 4 25.09 27.23 -37.16
CA ARG F 4 24.96 25.89 -37.72
C ARG F 4 23.59 25.60 -38.29
N PRO F 5 23.53 24.85 -39.39
CA PRO F 5 22.26 24.50 -40.01
C PRO F 5 21.52 23.51 -39.15
N ARG F 6 20.19 23.62 -39.12
CA ARG F 6 19.35 22.75 -38.32
C ARG F 6 18.55 21.83 -39.21
N PHE F 7 18.18 20.67 -38.68
CA PHE F 7 17.38 19.67 -39.39
C PHE F 7 16.25 19.29 -38.45
N LEU F 8 15.01 19.39 -38.93
CA LEU F 8 13.84 19.10 -38.11
C LEU F 8 13.01 17.93 -38.59
N TRP F 9 12.56 17.12 -37.64
CA TRP F 9 11.71 15.97 -37.96
C TRP F 9 10.45 16.04 -37.11
N GLN F 10 9.30 16.15 -37.76
CA GLN F 10 8.03 16.24 -37.06
C GLN F 10 7.12 15.10 -37.46
N LEU F 11 6.33 14.65 -36.49
CA LEU F 11 5.36 13.59 -36.69
C LEU F 11 4.12 14.07 -35.97
N LYS F 12 2.99 14.07 -36.68
CA LYS F 12 1.73 14.51 -36.10
C LYS F 12 0.62 13.51 -36.37
N PHE F 13 -0.16 13.20 -35.35
CA PHE F 13 -1.31 12.29 -35.49
C PHE F 13 -2.53 13.15 -35.19
N GLU F 14 -3.29 13.49 -36.23
CA GLU F 14 -4.47 14.32 -36.08
C GLU F 14 -5.76 13.51 -36.06
N CYS F 15 -6.57 13.72 -35.03
CA CYS F 15 -7.86 13.05 -34.92
C CYS F 15 -8.94 14.10 -35.13
N HIS F 16 -9.74 13.92 -36.18
CA HIS F 16 -10.80 14.86 -36.52
C HIS F 16 -12.16 14.25 -36.20
N PHE F 17 -12.95 14.97 -35.41
CA PHE F 17 -14.28 14.51 -34.96
C PHE F 17 -15.43 15.36 -35.49
N PHE F 18 -16.51 14.70 -35.89
CA PHE F 18 -17.69 15.39 -36.43
C PHE F 18 -18.93 14.84 -35.75
N ASN F 19 -19.80 15.73 -35.27
CA ASN F 19 -21.02 15.34 -34.56
C ASN F 19 -20.69 14.33 -33.46
N GLY F 20 -20.03 14.80 -32.39
CA GLY F 20 -19.65 13.90 -31.32
C GLY F 20 -18.51 13.05 -31.86
N THR F 21 -18.70 11.74 -31.92
CA THR F 21 -17.67 10.87 -32.51
C THR F 21 -18.32 10.01 -33.57
N GLU F 22 -19.42 10.54 -34.13
CA GLU F 22 -20.15 9.86 -35.19
C GLU F 22 -19.20 9.57 -36.34
N ARG F 23 -18.51 10.62 -36.81
CA ARG F 23 -17.58 10.49 -37.91
C ARG F 23 -16.18 10.91 -37.44
N VAL F 24 -15.21 10.02 -37.60
CA VAL F 24 -13.83 10.30 -37.20
C VAL F 24 -12.87 10.05 -38.35
N ARG F 25 -11.86 10.91 -38.45
CA ARG F 25 -10.84 10.78 -39.49
C ARG F 25 -9.46 11.00 -38.90
N LEU F 26 -8.57 10.04 -39.14
CA LEU F 26 -7.22 10.13 -38.63
C LEU F 26 -6.25 10.56 -39.72
N LEU F 27 -5.39 11.52 -39.40
CA LEU F 27 -4.41 12.00 -40.35
C LEU F 27 -3.02 11.90 -39.73
N GLU F 28 -2.23 10.93 -40.18
CA GLU F 28 -0.87 10.73 -39.67
C GLU F 28 0.10 11.32 -40.68
N ARG F 29 0.83 12.36 -40.28
CA ARG F 29 1.75 13.01 -41.21
C ARG F 29 3.19 13.14 -40.76
N CYS F 30 4.13 12.91 -41.66
CA CYS F 30 5.55 13.03 -41.36
C CYS F 30 6.05 14.30 -42.04
N ILE F 31 6.74 15.15 -41.29
CA ILE F 31 7.25 16.39 -41.88
C ILE F 31 8.76 16.54 -41.68
N TYR F 32 9.47 16.76 -42.78
CA TYR F 32 10.90 16.98 -42.68
C TYR F 32 11.02 18.50 -42.80
N ASN F 33 11.71 19.11 -41.85
CA ASN F 33 11.86 20.55 -41.84
C ASN F 33 10.49 21.24 -41.86
N GLN F 34 10.05 21.67 -43.03
CA GLN F 34 8.75 22.34 -43.12
C GLN F 34 7.89 21.76 -44.23
N GLU F 35 8.16 20.52 -44.63
CA GLU F 35 7.40 19.87 -45.69
C GLU F 35 6.97 18.45 -45.42
N GLU F 36 5.67 18.21 -45.60
CA GLU F 36 5.06 16.90 -45.39
C GLU F 36 5.61 15.98 -46.47
N SER F 37 6.02 14.78 -46.09
CA SER F 37 6.59 13.82 -47.03
C SER F 37 5.73 12.60 -47.28
N VAL F 38 5.24 12.02 -46.18
CA VAL F 38 4.40 10.83 -46.25
C VAL F 38 3.25 11.06 -45.30
N ARG F 39 2.20 10.27 -45.45
CA ARG F 39 1.05 10.41 -44.56
C ARG F 39 0.11 9.23 -44.67
N PHE F 40 -0.72 9.07 -43.66
CA PHE F 40 -1.71 8.02 -43.65
C PHE F 40 -3.03 8.70 -43.43
N ASP F 41 -3.93 8.57 -44.39
CA ASP F 41 -5.25 9.16 -44.27
C ASP F 41 -6.20 8.00 -44.07
N SER F 42 -6.88 7.97 -42.94
CA SER F 42 -7.82 6.90 -42.64
C SER F 42 -8.86 6.74 -43.77
N ASP F 43 -9.22 7.85 -44.42
CA ASP F 43 -10.18 7.77 -45.51
C ASP F 43 -9.60 7.06 -46.70
N VAL F 44 -8.28 6.92 -46.74
CA VAL F 44 -7.62 6.22 -47.83
C VAL F 44 -7.29 4.78 -47.41
N GLY F 45 -6.82 4.61 -46.18
CA GLY F 45 -6.53 3.27 -45.71
C GLY F 45 -5.08 2.83 -45.80
N GLU F 46 -4.22 3.69 -46.33
CA GLU F 46 -2.81 3.34 -46.40
C GLU F 46 -1.90 4.52 -46.70
N TYR F 47 -0.62 4.34 -46.40
CA TYR F 47 0.36 5.40 -46.63
C TYR F 47 0.50 5.80 -48.08
N ARG F 48 0.67 7.09 -48.28
CA ARG F 48 0.83 7.65 -49.62
C ARG F 48 1.88 8.75 -49.52
N ALA F 49 2.86 8.71 -50.40
CA ALA F 49 3.91 9.72 -50.38
C ALA F 49 3.26 11.03 -50.79
N VAL F 50 3.81 12.15 -50.32
CA VAL F 50 3.28 13.45 -50.67
C VAL F 50 4.33 14.10 -51.53
N THR F 51 5.58 13.81 -51.22
CA THR F 51 6.68 14.34 -52.02
C THR F 51 7.55 13.12 -52.38
N GLU F 52 8.51 13.30 -53.28
CA GLU F 52 9.35 12.17 -53.67
C GLU F 52 9.99 11.47 -52.49
N LEU F 53 10.52 12.23 -51.55
CA LEU F 53 11.17 11.67 -50.39
C LEU F 53 10.31 10.74 -49.55
N GLY F 54 9.00 10.77 -49.78
CA GLY F 54 8.11 9.92 -49.02
C GLY F 54 7.99 8.50 -49.53
N ARG F 55 8.01 8.34 -50.85
CA ARG F 55 7.89 7.04 -51.52
C ARG F 55 8.46 5.82 -50.78
N PRO F 56 9.77 5.81 -50.49
CA PRO F 56 10.34 4.66 -49.79
C PRO F 56 9.56 4.25 -48.54
N ASP F 57 9.19 5.25 -47.74
CA ASP F 57 8.45 5.04 -46.50
C ASP F 57 7.04 4.52 -46.73
N ALA F 58 6.34 5.12 -47.67
CA ALA F 58 4.99 4.70 -47.96
C ALA F 58 5.03 3.24 -48.43
N GLU F 59 6.00 2.96 -49.30
CA GLU F 59 6.16 1.62 -49.85
C GLU F 59 6.45 0.59 -48.76
N TYR F 60 7.44 0.90 -47.93
CA TYR F 60 7.84 0.01 -46.84
C TYR F 60 6.73 -0.26 -45.82
N TRP F 61 6.13 0.79 -45.28
CA TRP F 61 5.08 0.60 -44.29
C TRP F 61 3.89 -0.18 -44.85
N ASN F 62 3.42 0.21 -46.02
CA ASN F 62 2.27 -0.44 -46.65
C ASN F 62 2.40 -1.95 -46.83
N SER F 63 3.65 -2.44 -46.86
CA SER F 63 3.90 -3.86 -47.03
C SER F 63 3.79 -4.62 -45.71
N GLN F 64 3.52 -3.88 -44.64
CA GLN F 64 3.37 -4.49 -43.33
C GLN F 64 1.90 -4.62 -42.98
N LYS F 65 1.31 -5.72 -43.40
CA LYS F 65 -0.11 -5.97 -43.15
C LYS F 65 -0.55 -5.70 -41.72
N ASP F 66 0.23 -6.18 -40.75
CA ASP F 66 -0.09 -6.00 -39.34
C ASP F 66 -0.19 -4.52 -39.01
N LEU F 67 0.74 -3.73 -39.53
CA LEU F 67 0.77 -2.29 -39.30
C LEU F 67 -0.45 -1.58 -39.89
N LEU F 68 -0.79 -1.89 -41.14
CA LEU F 68 -1.94 -1.24 -41.75
C LEU F 68 -3.24 -1.52 -41.00
N GLU F 69 -3.44 -2.75 -40.55
CA GLU F 69 -4.67 -3.09 -39.85
C GLU F 69 -4.79 -2.26 -38.59
N GLN F 70 -3.65 -2.06 -37.94
CA GLN F 70 -3.58 -1.29 -36.70
C GLN F 70 -4.04 0.15 -36.98
N ARG F 71 -3.35 0.79 -37.92
CA ARG F 71 -3.68 2.16 -38.31
C ARG F 71 -5.15 2.28 -38.68
N ARG F 72 -5.66 1.31 -39.45
CA ARG F 72 -7.05 1.32 -39.86
C ARG F 72 -8.02 1.27 -38.68
N ALA F 73 -7.61 0.62 -37.59
CA ALA F 73 -8.44 0.47 -36.40
C ALA F 73 -8.20 1.61 -35.40
N ALA F 74 -7.09 2.31 -35.61
CA ALA F 74 -6.68 3.42 -34.75
C ALA F 74 -7.85 4.37 -34.55
N VAL F 75 -8.60 4.61 -35.62
CA VAL F 75 -9.75 5.49 -35.55
C VAL F 75 -10.56 5.19 -34.29
N ASP F 76 -10.55 3.91 -33.90
CA ASP F 76 -11.28 3.49 -32.70
C ASP F 76 -10.40 3.31 -31.48
N THR F 77 -9.37 2.49 -31.61
CA THR F 77 -8.48 2.23 -30.48
C THR F 77 -7.71 3.44 -29.97
N TYR F 78 -7.51 4.45 -30.83
CA TYR F 78 -6.76 5.66 -30.51
C TYR F 78 -7.64 6.92 -30.42
N CYS F 79 -8.15 7.39 -31.56
CA CYS F 79 -8.97 8.59 -31.59
C CYS F 79 -10.19 8.55 -30.67
N ARG F 80 -11.13 7.67 -30.96
CA ARG F 80 -12.34 7.55 -30.17
C ARG F 80 -12.01 7.30 -28.67
N HIS F 81 -10.93 6.56 -28.42
CA HIS F 81 -10.53 6.27 -27.04
C HIS F 81 -10.08 7.53 -26.34
N ASN F 82 -9.11 8.22 -26.92
CA ASN F 82 -8.60 9.44 -26.34
C ASN F 82 -9.70 10.48 -26.18
N TYR F 83 -10.58 10.59 -27.17
CA TYR F 83 -11.65 11.57 -27.11
C TYR F 83 -12.44 11.37 -25.83
N GLY F 84 -12.66 10.12 -25.45
CA GLY F 84 -13.39 9.83 -24.24
C GLY F 84 -12.59 10.21 -23.00
N VAL F 85 -11.36 9.73 -22.92
CA VAL F 85 -10.53 10.02 -21.77
C VAL F 85 -10.60 11.46 -21.31
N GLY F 86 -10.50 12.41 -22.24
CA GLY F 86 -10.53 13.81 -21.85
C GLY F 86 -11.83 14.60 -21.98
N GLU F 87 -12.86 13.97 -22.51
CA GLU F 87 -14.15 14.64 -22.71
C GLU F 87 -14.63 15.58 -21.61
N SER F 88 -14.62 15.12 -20.37
CA SER F 88 -15.10 15.94 -19.25
C SER F 88 -14.39 17.28 -19.05
N PHE F 89 -13.07 17.32 -19.20
CA PHE F 89 -12.35 18.57 -19.00
C PHE F 89 -11.95 19.31 -20.26
N THR F 90 -12.31 18.77 -21.42
CA THR F 90 -12.01 19.42 -22.70
C THR F 90 -13.30 19.82 -23.39
N VAL F 91 -13.96 18.86 -24.05
CA VAL F 91 -15.21 19.17 -24.75
C VAL F 91 -16.23 19.83 -23.83
N GLN F 92 -16.35 19.33 -22.60
CA GLN F 92 -17.31 19.86 -21.64
C GLN F 92 -16.85 21.15 -20.96
N ARG F 93 -15.58 21.47 -21.16
CA ARG F 93 -15.04 22.67 -20.55
C ARG F 93 -15.84 23.90 -20.95
N ARG F 94 -16.34 24.63 -19.95
CA ARG F 94 -17.11 25.84 -20.18
C ARG F 94 -16.69 26.85 -19.15
N VAL F 95 -16.27 28.03 -19.59
CA VAL F 95 -15.87 29.09 -18.67
C VAL F 95 -16.50 30.37 -19.16
N GLU F 96 -17.38 30.90 -18.32
CA GLU F 96 -18.13 32.13 -18.59
C GLU F 96 -17.25 33.34 -18.86
N PRO F 97 -17.58 34.12 -19.90
CA PRO F 97 -16.80 35.31 -20.25
C PRO F 97 -17.00 36.47 -19.26
N LYS F 98 -16.00 37.34 -19.19
CA LYS F 98 -16.06 38.51 -18.31
C LYS F 98 -16.19 39.71 -19.24
N VAL F 99 -17.36 40.32 -19.26
CA VAL F 99 -17.63 41.48 -20.12
C VAL F 99 -17.61 42.82 -19.39
N THR F 100 -16.89 43.78 -19.95
CA THR F 100 -16.79 45.12 -19.37
C THR F 100 -16.74 46.10 -20.55
N VAL F 101 -17.16 47.34 -20.33
CA VAL F 101 -17.16 48.34 -21.40
C VAL F 101 -16.50 49.62 -20.92
N TYR F 102 -15.53 50.12 -21.68
CA TYR F 102 -14.84 51.36 -21.33
C TYR F 102 -14.55 52.16 -22.59
N PRO F 103 -14.51 53.50 -22.48
CA PRO F 103 -14.23 54.35 -23.64
C PRO F 103 -12.80 54.28 -24.14
N SER F 104 -12.53 55.01 -25.21
CA SER F 104 -11.21 55.05 -25.79
C SER F 104 -11.15 56.08 -26.93
N LYS F 105 -9.94 56.59 -27.19
CA LYS F 105 -9.71 57.59 -28.24
C LYS F 105 -9.01 56.91 -29.40
N THR F 106 -9.56 57.06 -30.60
CA THR F 106 -8.99 56.46 -31.80
C THR F 106 -7.59 57.02 -32.10
N GLN F 107 -7.31 58.20 -31.57
CA GLN F 107 -6.01 58.85 -31.75
C GLN F 107 -5.72 59.71 -30.51
N PRO F 108 -4.43 60.01 -30.26
CA PRO F 108 -4.07 60.83 -29.09
C PRO F 108 -4.68 62.24 -29.11
N LEU F 109 -5.16 62.66 -30.29
CA LEU F 109 -5.77 63.98 -30.45
C LEU F 109 -7.28 63.86 -30.45
N GLN F 110 -7.79 62.74 -30.97
CA GLN F 110 -9.22 62.49 -31.05
C GLN F 110 -9.95 62.51 -29.71
N HIS F 111 -11.27 62.66 -29.77
CA HIS F 111 -12.14 62.68 -28.58
C HIS F 111 -12.43 61.24 -28.16
N HIS F 112 -13.46 61.11 -27.34
CA HIS F 112 -13.93 59.81 -26.85
C HIS F 112 -14.66 59.17 -28.03
N ASN F 113 -13.88 58.85 -29.06
CA ASN F 113 -14.33 58.25 -30.30
C ASN F 113 -15.09 56.93 -30.17
N LEU F 114 -14.35 55.87 -29.88
CA LEU F 114 -14.96 54.56 -29.75
C LEU F 114 -15.09 54.01 -28.35
N LEU F 115 -16.05 53.12 -28.19
CA LEU F 115 -16.31 52.44 -26.92
C LEU F 115 -15.76 51.03 -27.13
N VAL F 116 -15.14 50.48 -26.10
CA VAL F 116 -14.57 49.14 -26.20
C VAL F 116 -15.33 48.11 -25.36
N CYS F 117 -15.66 46.99 -25.97
CA CYS F 117 -16.33 45.93 -25.23
C CYS F 117 -15.33 44.81 -25.03
N SER F 118 -14.82 44.69 -23.81
CA SER F 118 -13.84 43.68 -23.46
C SER F 118 -14.49 42.38 -23.00
N VAL F 119 -14.26 41.31 -23.76
CA VAL F 119 -14.79 39.99 -23.44
C VAL F 119 -13.56 39.12 -23.16
N SER F 120 -13.37 38.69 -21.91
CA SER F 120 -12.18 37.91 -21.57
C SER F 120 -12.33 36.69 -20.68
N GLY F 121 -11.30 35.83 -20.71
CA GLY F 121 -11.27 34.62 -19.90
C GLY F 121 -12.31 33.54 -20.15
N PHE F 122 -12.85 33.49 -21.36
CA PHE F 122 -13.87 32.50 -21.68
C PHE F 122 -13.39 31.29 -22.45
N TYR F 123 -14.22 30.25 -22.47
CA TYR F 123 -13.95 29.01 -23.18
C TYR F 123 -15.26 28.22 -23.31
N PRO F 124 -15.56 27.68 -24.50
CA PRO F 124 -14.87 27.67 -25.80
C PRO F 124 -14.69 29.03 -26.46
N GLY F 125 -13.92 29.03 -27.54
CA GLY F 125 -13.64 30.26 -28.25
C GLY F 125 -14.83 30.77 -29.06
N SER F 126 -15.81 29.91 -29.29
CA SER F 126 -16.98 30.28 -30.06
C SER F 126 -17.88 31.24 -29.30
N ILE F 127 -17.93 32.50 -29.73
CA ILE F 127 -18.75 33.51 -29.05
C ILE F 127 -19.32 34.52 -30.03
N GLU F 128 -20.35 35.24 -29.60
CA GLU F 128 -20.95 36.27 -30.44
C GLU F 128 -21.08 37.55 -29.62
N VAL F 129 -20.67 38.67 -30.20
CA VAL F 129 -20.72 39.94 -29.51
C VAL F 129 -21.28 41.05 -30.43
N ARG F 130 -22.39 41.67 -30.03
CA ARG F 130 -23.03 42.74 -30.81
C ARG F 130 -23.24 44.03 -30.01
N TRP F 131 -23.19 45.16 -30.71
CA TRP F 131 -23.40 46.48 -30.10
C TRP F 131 -24.81 46.96 -30.42
N PHE F 132 -25.45 47.64 -29.47
CA PHE F 132 -26.80 48.18 -29.66
C PHE F 132 -26.89 49.60 -29.15
N ARG F 133 -27.32 50.52 -30.01
CA ARG F 133 -27.48 51.92 -29.63
C ARG F 133 -28.96 52.20 -29.40
N ASN F 134 -29.40 52.13 -28.15
CA ASN F 134 -30.79 52.36 -27.82
C ASN F 134 -31.66 51.31 -28.50
N GLY F 135 -31.41 50.05 -28.17
CA GLY F 135 -32.20 48.98 -28.74
C GLY F 135 -31.93 48.62 -30.19
N GLN F 136 -31.43 49.55 -30.99
CA GLN F 136 -31.14 49.24 -32.37
C GLN F 136 -29.70 48.73 -32.55
N GLU F 137 -29.55 47.55 -33.17
CA GLU F 137 -28.23 46.97 -33.38
C GLU F 137 -27.31 47.80 -34.24
N GLU F 138 -26.06 47.90 -33.81
CA GLU F 138 -25.03 48.65 -34.51
C GLU F 138 -24.06 47.67 -35.16
N LYS F 139 -23.71 47.94 -36.41
CA LYS F 139 -22.80 47.07 -37.14
C LYS F 139 -21.77 47.86 -37.95
N ALA F 140 -22.26 48.82 -38.73
CA ALA F 140 -21.42 49.63 -39.60
C ALA F 140 -20.11 50.18 -39.02
N GLY F 141 -20.10 50.46 -37.71
CA GLY F 141 -18.89 51.02 -37.12
C GLY F 141 -18.17 50.15 -36.12
N VAL F 142 -18.22 48.84 -36.31
CA VAL F 142 -17.55 47.94 -35.38
C VAL F 142 -16.20 47.43 -35.91
N VAL F 143 -15.26 47.26 -35.00
CA VAL F 143 -13.93 46.79 -35.33
C VAL F 143 -13.59 45.78 -34.25
N SER F 144 -12.83 44.75 -34.58
CA SER F 144 -12.47 43.78 -33.56
C SER F 144 -11.05 43.27 -33.66
N THR F 145 -10.57 42.68 -32.58
CA THR F 145 -9.23 42.14 -32.53
C THR F 145 -9.36 40.74 -33.10
N GLY F 146 -10.60 40.26 -33.20
CA GLY F 146 -10.84 38.92 -33.67
C GLY F 146 -10.67 38.05 -32.45
N LEU F 147 -10.99 36.76 -32.57
CA LEU F 147 -10.86 35.85 -31.44
C LEU F 147 -9.38 35.63 -31.05
N ILE F 148 -9.08 35.71 -29.76
CA ILE F 148 -7.70 35.52 -29.32
C ILE F 148 -7.58 34.38 -28.32
N GLN F 149 -6.72 33.43 -28.67
CA GLN F 149 -6.47 32.25 -27.85
C GLN F 149 -5.26 32.53 -26.93
N ASN F 150 -5.50 32.61 -25.63
CA ASN F 150 -4.46 32.92 -24.65
C ASN F 150 -3.41 31.85 -24.38
N GLY F 151 -3.70 30.59 -24.71
CA GLY F 151 -2.74 29.52 -24.50
C GLY F 151 -2.87 28.82 -23.16
N ASP F 152 -3.86 29.22 -22.38
CA ASP F 152 -4.09 28.62 -21.06
C ASP F 152 -5.54 28.17 -20.97
N TRP F 153 -6.07 27.70 -22.10
CA TRP F 153 -7.45 27.24 -22.17
C TRP F 153 -8.50 28.31 -21.94
N THR F 154 -8.26 29.51 -22.49
CA THR F 154 -9.20 30.61 -22.38
C THR F 154 -9.01 31.55 -23.57
N PHE F 155 -10.06 32.26 -23.95
CA PHE F 155 -10.01 33.20 -25.06
C PHE F 155 -10.41 34.60 -24.61
N GLN F 156 -10.13 35.59 -25.45
CA GLN F 156 -10.48 36.96 -25.14
C GLN F 156 -10.62 37.68 -26.48
N THR F 157 -11.39 38.76 -26.49
CA THR F 157 -11.56 39.53 -27.71
C THR F 157 -12.03 40.93 -27.39
N LEU F 158 -11.65 41.89 -28.21
CA LEU F 158 -12.09 43.26 -28.02
C LEU F 158 -12.91 43.69 -29.20
N VAL F 159 -14.13 44.17 -28.95
CA VAL F 159 -15.02 44.62 -30.01
C VAL F 159 -15.33 46.10 -29.82
N MET F 160 -14.83 46.94 -30.73
CA MET F 160 -15.03 48.39 -30.63
C MET F 160 -16.13 48.97 -31.52
N LEU F 161 -16.78 50.01 -31.04
CA LEU F 161 -17.84 50.70 -31.79
C LEU F 161 -17.36 52.14 -32.00
N GLU F 162 -17.17 52.51 -33.26
CA GLU F 162 -16.66 53.84 -33.60
C GLU F 162 -17.72 54.94 -33.61
N THR F 163 -18.19 55.35 -32.44
CA THR F 163 -19.20 56.40 -32.38
C THR F 163 -19.01 57.33 -31.20
N VAL F 164 -18.91 58.63 -31.46
CA VAL F 164 -18.78 59.59 -30.36
C VAL F 164 -20.16 59.60 -29.67
N PRO F 165 -20.26 58.94 -28.49
CA PRO F 165 -21.50 58.83 -27.71
C PRO F 165 -22.13 60.16 -27.33
N ARG F 166 -23.23 60.50 -28.00
CA ARG F 166 -23.94 61.74 -27.72
C ARG F 166 -24.81 61.55 -26.48
N SER F 167 -24.94 62.61 -25.68
CA SER F 167 -25.72 62.60 -24.45
C SER F 167 -27.17 62.09 -24.64
N GLY F 168 -27.63 61.32 -23.67
CA GLY F 168 -28.98 60.79 -23.72
C GLY F 168 -29.03 59.33 -24.15
N GLU F 169 -28.12 58.93 -25.03
CA GLU F 169 -28.08 57.56 -25.53
C GLU F 169 -27.49 56.52 -24.59
N VAL F 170 -27.99 55.29 -24.71
CA VAL F 170 -27.51 54.18 -23.91
C VAL F 170 -27.05 53.04 -24.82
N TYR F 171 -25.74 52.86 -24.90
CA TYR F 171 -25.14 51.82 -25.72
C TYR F 171 -25.11 50.51 -24.95
N THR F 172 -25.21 49.39 -25.66
CA THR F 172 -25.20 48.09 -25.01
C THR F 172 -24.36 47.05 -25.75
N CYS F 173 -23.53 46.34 -24.99
CA CYS F 173 -22.69 45.29 -25.55
C CYS F 173 -23.32 43.97 -25.16
N GLN F 174 -23.79 43.22 -26.14
CA GLN F 174 -24.43 41.94 -25.88
C GLN F 174 -23.56 40.75 -26.28
N VAL F 175 -23.26 39.91 -25.30
CA VAL F 175 -22.42 38.74 -25.48
C VAL F 175 -23.15 37.43 -25.32
N GLU F 176 -23.07 36.57 -26.33
CA GLU F 176 -23.72 35.25 -26.30
C GLU F 176 -22.67 34.15 -26.39
N HIS F 177 -22.66 33.28 -25.39
CA HIS F 177 -21.67 32.21 -25.30
C HIS F 177 -22.23 30.96 -24.62
N PRO F 178 -21.76 29.77 -25.04
CA PRO F 178 -22.20 28.50 -24.49
C PRO F 178 -22.23 28.40 -22.97
N SER F 179 -21.39 29.15 -22.28
CA SER F 179 -21.37 29.07 -20.83
C SER F 179 -22.50 29.86 -20.19
N VAL F 180 -23.49 30.26 -20.98
CA VAL F 180 -24.58 31.01 -20.43
C VAL F 180 -25.80 30.91 -21.32
N THR F 181 -26.93 30.63 -20.69
CA THR F 181 -28.21 30.49 -21.37
C THR F 181 -28.71 31.81 -21.96
N SER F 182 -28.79 32.83 -21.10
CA SER F 182 -29.25 34.15 -21.52
C SER F 182 -28.07 35.07 -21.81
N PRO F 183 -28.10 35.74 -22.99
CA PRO F 183 -27.02 36.64 -23.36
C PRO F 183 -26.61 37.63 -22.27
N LEU F 184 -25.33 37.92 -22.19
CA LEU F 184 -24.82 38.88 -21.20
C LEU F 184 -24.85 40.26 -21.82
N THR F 185 -25.10 41.26 -21.00
CA THR F 185 -25.15 42.62 -21.47
C THR F 185 -24.51 43.58 -20.50
N VAL F 186 -23.95 44.65 -21.05
CA VAL F 186 -23.32 45.68 -20.27
C VAL F 186 -23.70 46.96 -20.96
N GLU F 187 -24.28 47.89 -20.22
CA GLU F 187 -24.69 49.15 -20.80
C GLU F 187 -23.70 50.25 -20.47
N TRP F 188 -23.74 51.29 -21.28
CA TRP F 188 -22.86 52.43 -21.12
C TRP F 188 -23.67 53.68 -21.39
N ARG F 189 -24.05 54.38 -20.33
CA ARG F 189 -24.83 55.62 -20.44
C ARG F 189 -23.91 56.71 -20.97
N ALA F 190 -24.36 57.39 -22.03
CA ALA F 190 -23.60 58.47 -22.65
C ALA F 190 -23.24 59.57 -21.64
N PRO G 1 -8.71 6.42 -17.00
CA PRO G 1 -8.61 7.05 -18.34
C PRO G 1 -7.17 7.39 -18.70
N LYS G 2 -6.52 6.54 -19.48
CA LYS G 2 -5.14 6.79 -19.88
C LYS G 2 -5.12 7.15 -21.35
N TYR G 3 -4.38 8.19 -21.70
CA TYR G 3 -4.28 8.58 -23.10
C TYR G 3 -3.34 7.60 -23.77
N VAL G 4 -3.73 7.04 -24.91
CA VAL G 4 -2.85 6.11 -25.62
C VAL G 4 -2.22 6.83 -26.81
N LYS G 5 -0.95 6.53 -27.06
CA LYS G 5 -0.21 7.15 -28.14
C LYS G 5 -0.20 6.29 -29.40
N GLN G 6 0.27 6.88 -30.50
CA GLN G 6 0.41 6.16 -31.75
C GLN G 6 1.90 5.91 -31.82
N ASN G 7 2.30 4.65 -31.85
CA ASN G 7 3.71 4.32 -31.92
C ASN G 7 4.31 4.91 -33.18
N THR G 8 5.40 5.62 -33.03
CA THR G 8 6.10 6.22 -34.15
C THR G 8 6.80 5.08 -34.94
N LEU G 9 7.01 5.27 -36.24
CA LEU G 9 7.63 4.25 -37.09
C LEU G 9 9.00 4.60 -37.65
N LYS G 10 9.83 3.59 -37.83
CA LYS G 10 11.17 3.78 -38.37
C LYS G 10 11.11 3.94 -39.89
N LEU G 11 11.71 5.01 -40.39
CA LEU G 11 11.72 5.29 -41.82
C LEU G 11 12.27 4.16 -42.67
N ALA G 12 11.92 4.21 -43.95
CA ALA G 12 12.31 3.21 -44.94
C ALA G 12 13.77 2.80 -44.84
N THR G 13 13.92 1.50 -44.62
CA THR G 13 15.19 0.78 -44.47
C THR G 13 16.47 1.62 -44.39
N SER H 1 2.63 -21.88 -18.78
CA SER H 1 3.64 -22.76 -19.42
C SER H 1 5.06 -22.19 -19.21
N MET H 2 5.42 -21.17 -20.00
CA MET H 2 6.73 -20.54 -19.90
C MET H 2 6.69 -19.31 -18.99
N LYS H 3 7.65 -19.20 -18.09
CA LYS H 3 7.73 -18.07 -17.17
C LYS H 3 8.19 -16.81 -17.90
N LEU H 4 7.46 -15.72 -17.69
CA LEU H 4 7.83 -14.45 -18.31
C LEU H 4 8.59 -13.63 -17.27
N ARG H 5 9.30 -12.61 -17.73
CA ARG H 5 10.03 -11.75 -16.82
C ARG H 5 9.03 -10.81 -16.14
N VAL H 6 7.84 -10.71 -16.74
CA VAL H 6 6.76 -9.89 -16.22
C VAL H 6 5.53 -10.74 -16.50
N GLU H 7 4.90 -11.24 -15.44
CA GLU H 7 3.75 -12.13 -15.60
C GLU H 7 2.60 -11.62 -16.44
N ASN H 8 2.11 -10.42 -16.17
CA ASN H 8 1.04 -9.89 -16.99
C ASN H 8 1.56 -8.66 -17.72
N PRO H 9 2.28 -8.88 -18.83
CA PRO H 9 2.87 -7.84 -19.66
C PRO H 9 1.85 -6.84 -20.16
N LYS H 10 2.22 -5.57 -20.12
CA LYS H 10 1.36 -4.52 -20.62
C LYS H 10 1.64 -4.40 -22.10
N LYS H 11 0.59 -4.20 -22.89
CA LYS H 11 0.69 -4.03 -24.34
C LYS H 11 1.99 -3.35 -24.79
N ALA H 12 2.61 -3.91 -25.84
CA ALA H 12 3.83 -3.35 -26.39
C ALA H 12 3.59 -3.19 -27.89
N GLN H 13 4.21 -2.18 -28.48
CA GLN H 13 4.04 -1.92 -29.91
C GLN H 13 5.39 -1.90 -30.59
N LYS H 14 5.51 -2.48 -31.78
CA LYS H 14 6.81 -2.46 -32.43
C LYS H 14 6.92 -1.28 -33.38
N HIS H 15 8.09 -0.66 -33.42
CA HIS H 15 8.35 0.50 -34.28
C HIS H 15 9.09 0.09 -35.55
N PHE H 16 9.19 -1.20 -35.79
CA PHE H 16 9.89 -1.72 -36.97
C PHE H 16 11.32 -1.21 -37.04
N VAL H 17 12.05 -1.37 -35.95
CA VAL H 17 13.41 -0.89 -35.88
C VAL H 17 14.41 -2.04 -35.67
N GLN H 18 14.01 -3.24 -36.10
CA GLN H 18 14.85 -4.43 -35.94
C GLN H 18 16.03 -4.47 -36.90
N ASN H 19 15.92 -3.78 -38.01
CA ASN H 19 17.00 -3.79 -39.00
C ASN H 19 18.09 -2.73 -38.84
N LEU H 20 18.11 -2.01 -37.73
CA LEU H 20 19.18 -1.02 -37.52
C LEU H 20 20.43 -1.84 -37.24
N ASN H 21 21.59 -1.34 -37.69
CA ASN H 21 22.82 -2.09 -37.51
C ASN H 21 23.93 -1.56 -36.60
N ASN H 22 23.82 -0.35 -36.08
CA ASN H 22 24.89 0.11 -35.20
C ASN H 22 24.37 0.98 -34.08
N VAL H 23 23.47 0.41 -33.29
CA VAL H 23 22.85 1.11 -32.19
C VAL H 23 23.72 1.16 -30.96
N VAL H 24 24.51 0.12 -30.73
CA VAL H 24 25.36 0.08 -29.53
C VAL H 24 26.59 0.99 -29.55
N PHE H 25 26.73 1.82 -28.52
CA PHE H 25 27.85 2.76 -28.42
C PHE H 25 29.21 2.10 -28.17
N THR H 26 30.24 2.63 -28.82
CA THR H 26 31.59 2.10 -28.65
C THR H 26 32.17 2.71 -27.38
N ASN H 27 33.34 2.23 -26.96
CA ASN H 27 33.99 2.75 -25.77
C ASN H 27 34.40 4.21 -25.93
N LYS H 28 35.07 4.53 -27.04
CA LYS H 28 35.48 5.89 -27.28
C LYS H 28 34.24 6.78 -27.11
N GLU H 29 33.15 6.36 -27.73
CA GLU H 29 31.92 7.13 -27.65
C GLU H 29 31.49 7.32 -26.21
N LEU H 30 31.32 6.24 -25.47
CA LEU H 30 30.93 6.30 -24.06
C LEU H 30 31.91 7.15 -23.26
N GLU H 31 33.19 6.97 -23.52
CA GLU H 31 34.18 7.73 -22.78
C GLU H 31 34.09 9.21 -23.08
N ASP H 32 33.86 9.57 -24.34
CA ASP H 32 33.75 10.98 -24.67
C ASP H 32 32.57 11.63 -23.96
N ILE H 33 31.61 10.81 -23.54
CA ILE H 33 30.44 11.29 -22.82
C ILE H 33 30.82 11.42 -21.33
N TYR H 34 31.47 10.39 -20.81
CA TYR H 34 31.89 10.38 -19.40
C TYR H 34 32.79 11.59 -19.12
N ASN H 35 33.57 11.97 -20.13
CA ASN H 35 34.50 13.08 -20.00
C ASN H 35 33.84 14.42 -19.72
N LEU H 36 32.62 14.60 -20.20
CA LEU H 36 31.90 15.84 -19.97
C LEU H 36 31.76 16.09 -18.46
N SER H 37 31.63 15.02 -17.68
CA SER H 37 31.52 15.16 -16.23
C SER H 37 32.92 15.37 -15.64
N ASN H 38 33.52 16.50 -15.99
CA ASN H 38 34.88 16.84 -15.58
C ASN H 38 35.03 17.46 -14.19
N LYS H 39 33.99 18.11 -13.69
CA LYS H 39 34.05 18.76 -12.36
C LYS H 39 34.23 17.75 -11.24
N GLU H 40 34.89 18.22 -10.18
CA GLU H 40 35.17 17.39 -9.01
C GLU H 40 33.89 16.94 -8.30
N GLU H 41 33.06 17.89 -7.91
CA GLU H 41 31.80 17.61 -7.21
C GLU H 41 30.96 16.50 -7.81
N THR H 42 31.06 16.30 -9.12
CA THR H 42 30.27 15.28 -9.80
C THR H 42 30.95 13.93 -9.99
N LYS H 43 32.20 13.79 -9.53
CA LYS H 43 32.96 12.54 -9.70
C LYS H 43 32.41 11.31 -8.97
N GLU H 44 31.59 11.50 -7.95
CA GLU H 44 31.04 10.36 -7.23
C GLU H 44 29.84 9.78 -7.95
N VAL H 45 28.98 10.65 -8.46
CA VAL H 45 27.79 10.22 -9.18
C VAL H 45 28.20 9.71 -10.56
N LEU H 46 29.30 10.23 -11.08
CA LEU H 46 29.79 9.80 -12.39
C LEU H 46 30.11 8.33 -12.34
N LYS H 47 30.52 7.85 -11.17
CA LYS H 47 30.82 6.43 -11.00
C LYS H 47 29.53 5.63 -11.15
N LEU H 48 28.49 6.04 -10.42
CA LEU H 48 27.19 5.39 -10.45
C LEU H 48 26.57 5.37 -11.86
N PHE H 49 26.92 6.38 -12.65
CA PHE H 49 26.42 6.49 -14.02
C PHE H 49 27.14 5.47 -14.89
N LYS H 50 28.46 5.43 -14.78
CA LYS H 50 29.27 4.48 -15.53
C LYS H 50 28.83 3.07 -15.18
N LEU H 51 28.57 2.86 -13.90
CA LEU H 51 28.11 1.57 -13.39
C LEU H 51 26.80 1.16 -14.05
N LYS H 52 25.89 2.12 -14.20
CA LYS H 52 24.58 1.88 -14.81
C LYS H 52 24.65 1.57 -16.29
N VAL H 53 25.50 2.30 -17.00
CA VAL H 53 25.66 2.09 -18.44
C VAL H 53 26.16 0.67 -18.67
N ASN H 54 26.98 0.17 -17.77
CA ASN H 54 27.49 -1.19 -17.88
C ASN H 54 26.39 -2.19 -17.58
N GLN H 55 25.65 -1.96 -16.49
CA GLN H 55 24.56 -2.85 -16.15
C GLN H 55 23.60 -2.89 -17.34
N PHE H 56 23.42 -1.75 -17.99
CA PHE H 56 22.55 -1.59 -19.16
C PHE H 56 22.98 -2.53 -20.28
N TYR H 57 24.24 -2.43 -20.69
CA TYR H 57 24.77 -3.28 -21.75
C TYR H 57 24.56 -4.74 -21.44
N ARG H 58 24.99 -5.16 -20.26
CA ARG H 58 24.83 -6.55 -19.87
C ARG H 58 23.36 -6.97 -19.94
N HIS H 59 22.45 -6.10 -19.53
CA HIS H 59 21.02 -6.43 -19.57
C HIS H 59 20.54 -6.66 -20.99
N ALA H 60 20.91 -5.77 -21.92
CA ALA H 60 20.51 -5.87 -23.31
C ALA H 60 21.01 -7.16 -23.96
N PHE H 61 22.31 -7.41 -23.87
CA PHE H 61 22.87 -8.63 -24.44
C PHE H 61 22.32 -9.85 -23.73
N GLY H 62 21.97 -9.68 -22.46
CA GLY H 62 21.42 -10.79 -21.73
C GLY H 62 20.12 -11.23 -22.39
N ILE H 63 19.38 -10.26 -22.92
CA ILE H 63 18.11 -10.55 -23.58
C ILE H 63 18.33 -11.27 -24.90
N VAL H 64 19.33 -10.86 -25.68
CA VAL H 64 19.56 -11.52 -26.95
C VAL H 64 20.16 -12.90 -26.70
N ASN H 65 20.89 -13.05 -25.60
CA ASN H 65 21.50 -14.32 -25.29
C ASN H 65 20.47 -15.41 -24.93
N ASP H 66 19.40 -15.04 -24.22
CA ASP H 66 18.37 -16.03 -23.86
C ASP H 66 17.20 -16.10 -24.86
N TYR H 67 16.97 -15.02 -25.60
CA TYR H 67 15.83 -14.97 -26.50
C TYR H 67 16.08 -14.72 -27.99
N ASN H 68 17.25 -15.09 -28.48
CA ASN H 68 17.57 -14.90 -29.90
C ASN H 68 16.68 -15.72 -30.82
N GLY H 69 15.94 -16.66 -30.25
CA GLY H 69 15.06 -17.46 -31.08
C GLY H 69 13.76 -16.75 -31.34
N LEU H 70 13.48 -15.72 -30.53
CA LEU H 70 12.27 -14.92 -30.64
C LEU H 70 12.50 -13.78 -31.60
N LEU H 71 11.80 -13.82 -32.73
CA LEU H 71 11.92 -12.81 -33.78
C LEU H 71 11.94 -11.36 -33.28
N GLU H 72 11.03 -11.00 -32.37
CA GLU H 72 10.96 -9.63 -31.85
C GLU H 72 12.11 -9.19 -30.94
N TYR H 73 13.11 -10.05 -30.72
CA TYR H 73 14.20 -9.69 -29.83
C TYR H 73 15.08 -8.54 -30.34
N LYS H 74 15.25 -8.45 -31.66
CA LYS H 74 16.05 -7.38 -32.24
C LYS H 74 15.36 -6.03 -32.04
N GLU H 75 14.02 -6.08 -32.08
CA GLU H 75 13.20 -4.90 -31.87
C GLU H 75 13.47 -4.34 -30.48
N ILE H 76 13.37 -5.23 -29.50
CA ILE H 76 13.58 -4.86 -28.10
C ILE H 76 15.00 -4.41 -27.84
N PHE H 77 15.97 -5.12 -28.41
CA PHE H 77 17.37 -4.77 -28.24
C PHE H 77 17.59 -3.37 -28.81
N ASN H 78 17.27 -3.18 -30.09
CA ASN H 78 17.48 -1.89 -30.70
C ASN H 78 16.73 -0.75 -30.01
N MET H 79 15.50 -0.98 -29.59
CA MET H 79 14.76 0.09 -28.91
C MET H 79 15.48 0.54 -27.65
N MET H 80 16.07 -0.41 -26.91
CA MET H 80 16.80 -0.06 -25.71
C MET H 80 17.90 0.94 -26.02
N PHE H 81 18.66 0.70 -27.08
CA PHE H 81 19.74 1.61 -27.41
C PHE H 81 19.28 2.92 -28.04
N LEU H 82 18.12 2.90 -28.71
CA LEU H 82 17.62 4.14 -29.29
C LEU H 82 17.22 5.05 -28.14
N LYS H 83 16.65 4.45 -27.09
CA LYS H 83 16.24 5.23 -25.91
C LYS H 83 17.47 5.74 -25.15
N LEU H 84 18.48 4.87 -24.99
CA LEU H 84 19.70 5.27 -24.30
C LEU H 84 20.23 6.53 -24.97
N SER H 85 20.23 6.53 -26.29
CA SER H 85 20.71 7.66 -27.05
C SER H 85 20.01 8.98 -26.73
N VAL H 86 18.75 8.91 -26.33
CA VAL H 86 18.01 10.12 -25.97
C VAL H 86 18.49 10.60 -24.60
N VAL H 87 18.61 9.68 -23.65
CA VAL H 87 19.08 10.05 -22.32
C VAL H 87 20.45 10.71 -22.45
N PHE H 88 21.27 10.17 -23.34
CA PHE H 88 22.61 10.71 -23.55
C PHE H 88 22.51 12.14 -24.05
N ASP H 89 21.42 12.49 -24.75
CA ASP H 89 21.25 13.85 -25.25
C ASP H 89 21.23 14.79 -24.06
N THR H 90 20.48 14.40 -23.03
CA THR H 90 20.36 15.19 -21.82
C THR H 90 21.66 15.17 -21.05
N GLN H 91 22.25 13.98 -20.92
CA GLN H 91 23.52 13.84 -20.24
C GLN H 91 24.57 14.80 -20.80
N ARG H 92 24.61 14.94 -22.13
CA ARG H 92 25.57 15.81 -22.79
C ARG H 92 25.43 17.28 -22.46
N LYS H 93 24.22 17.72 -22.14
CA LYS H 93 24.03 19.11 -21.80
C LYS H 93 23.81 19.32 -20.31
N GLU H 94 23.95 18.25 -19.54
CA GLU H 94 23.78 18.30 -18.10
C GLU H 94 24.94 17.58 -17.43
N ALA H 95 26.03 17.41 -18.18
CA ALA H 95 27.23 16.72 -17.73
C ALA H 95 27.60 16.79 -16.25
N ASN H 96 27.38 17.93 -15.60
CA ASN H 96 27.74 18.06 -14.19
C ASN H 96 26.60 18.31 -13.24
N ASN H 97 25.37 18.12 -13.71
CA ASN H 97 24.20 18.32 -12.86
C ASN H 97 23.95 16.99 -12.13
N VAL H 98 24.42 16.87 -10.90
CA VAL H 98 24.24 15.62 -10.17
C VAL H 98 22.79 15.12 -10.14
N GLU H 99 21.84 16.00 -9.88
CA GLU H 99 20.45 15.55 -9.82
C GLU H 99 19.98 14.95 -11.15
N GLN H 100 20.45 15.53 -12.26
CA GLN H 100 20.07 15.04 -13.57
C GLN H 100 20.72 13.70 -13.84
N ILE H 101 22.00 13.55 -13.49
CA ILE H 101 22.68 12.29 -13.70
C ILE H 101 21.98 11.20 -12.90
N LYS H 102 21.37 11.59 -11.79
CA LYS H 102 20.64 10.62 -10.98
C LYS H 102 19.35 10.23 -11.66
N ARG H 103 18.64 11.21 -12.22
CA ARG H 103 17.39 10.95 -12.93
C ARG H 103 17.69 10.03 -14.10
N ASN H 104 18.74 10.36 -14.84
CA ASN H 104 19.16 9.58 -16.00
C ASN H 104 19.38 8.12 -15.60
N ILE H 105 20.06 7.94 -14.48
CA ILE H 105 20.32 6.61 -13.98
C ILE H 105 18.97 5.92 -13.74
N ALA H 106 18.06 6.63 -13.08
CA ALA H 106 16.74 6.09 -12.78
C ALA H 106 16.02 5.71 -14.06
N ILE H 107 16.22 6.51 -15.10
CA ILE H 107 15.58 6.24 -16.39
C ILE H 107 16.21 5.04 -17.07
N LEU H 108 17.53 4.92 -17.01
CA LEU H 108 18.19 3.77 -17.64
C LEU H 108 17.62 2.49 -17.04
N ASP H 109 17.18 2.55 -15.80
CA ASP H 109 16.61 1.38 -15.15
C ASP H 109 15.21 1.18 -15.69
N GLU H 110 14.47 2.27 -15.85
CA GLU H 110 13.12 2.19 -16.35
C GLU H 110 13.11 1.65 -17.77
N ILE H 111 14.14 2.00 -18.55
CA ILE H 111 14.28 1.53 -19.92
C ILE H 111 14.48 0.02 -19.91
N MET H 112 15.21 -0.47 -18.91
CA MET H 112 15.44 -1.91 -18.78
C MET H 112 14.14 -2.61 -18.36
N ALA H 113 13.42 -2.02 -17.42
CA ALA H 113 12.17 -2.60 -16.97
C ALA H 113 11.20 -2.71 -18.15
N LYS H 114 11.07 -1.62 -18.91
CA LYS H 114 10.17 -1.61 -20.07
C LYS H 114 10.55 -2.69 -21.07
N ALA H 115 11.86 -2.90 -21.23
CA ALA H 115 12.36 -3.90 -22.15
C ALA H 115 11.88 -5.29 -21.74
N ASP H 116 11.96 -5.58 -20.44
CA ASP H 116 11.53 -6.87 -19.92
C ASP H 116 10.02 -7.01 -20.11
N ASN H 117 9.28 -5.93 -19.88
CA ASN H 117 7.84 -5.99 -20.05
C ASN H 117 7.54 -6.35 -21.50
N ASP H 118 7.94 -5.46 -22.41
CA ASP H 118 7.71 -5.67 -23.85
C ASP H 118 8.16 -7.05 -24.30
N LEU H 119 9.29 -7.52 -23.79
CA LEU H 119 9.79 -8.83 -24.15
C LEU H 119 8.77 -9.88 -23.74
N SER H 120 8.25 -9.74 -22.52
CA SER H 120 7.26 -10.65 -21.99
C SER H 120 6.00 -10.59 -22.84
N TYR H 121 5.61 -9.39 -23.23
CA TYR H 121 4.42 -9.24 -24.06
C TYR H 121 4.55 -10.00 -25.38
N PHE H 122 5.64 -9.76 -26.12
CA PHE H 122 5.82 -10.43 -27.40
C PHE H 122 5.94 -11.94 -27.25
N ILE H 123 6.50 -12.39 -26.14
CA ILE H 123 6.62 -13.82 -25.90
C ILE H 123 5.22 -14.40 -25.69
N SER H 124 4.41 -13.69 -24.92
CA SER H 124 3.05 -14.13 -24.63
C SER H 124 2.24 -14.27 -25.91
N GLN H 125 2.54 -13.43 -26.89
CA GLN H 125 1.84 -13.45 -28.17
C GLN H 125 2.33 -14.50 -29.13
N ASN H 126 3.45 -15.15 -28.79
CA ASN H 126 4.01 -16.18 -29.67
C ASN H 126 4.01 -17.54 -28.97
N LYS H 127 2.84 -18.17 -28.87
CA LYS H 127 2.73 -19.47 -28.22
C LYS H 127 3.73 -20.48 -28.77
N ASN H 128 3.94 -20.45 -30.09
CA ASN H 128 4.86 -21.37 -30.74
C ASN H 128 6.28 -21.25 -30.21
N PHE H 129 6.75 -20.02 -30.04
CA PHE H 129 8.10 -19.79 -29.51
C PHE H 129 8.15 -20.41 -28.11
N GLN H 130 7.09 -20.21 -27.34
CA GLN H 130 7.03 -20.75 -25.98
C GLN H 130 7.16 -22.26 -25.96
N GLU H 131 6.42 -22.94 -26.83
CA GLU H 131 6.47 -24.39 -26.88
C GLU H 131 7.91 -24.83 -27.16
N LEU H 132 8.55 -24.14 -28.11
CA LEU H 132 9.92 -24.45 -28.49
C LEU H 132 10.91 -24.15 -27.37
N TRP H 133 10.73 -23.01 -26.70
CA TRP H 133 11.65 -22.63 -25.64
C TRP H 133 11.49 -23.57 -24.45
N ASP H 134 10.28 -24.02 -24.20
CA ASP H 134 10.06 -24.94 -23.08
C ASP H 134 10.65 -26.32 -23.40
N LYS H 135 10.43 -26.76 -24.63
CA LYS H 135 10.95 -28.05 -25.06
C LYS H 135 12.47 -28.07 -24.91
N ALA H 136 13.12 -26.96 -25.24
CA ALA H 136 14.57 -26.88 -25.13
C ALA H 136 14.97 -27.12 -23.68
N VAL H 137 14.21 -26.54 -22.74
CA VAL H 137 14.50 -26.73 -21.33
C VAL H 137 14.25 -28.21 -20.97
N LYS H 138 13.17 -28.76 -21.51
CA LYS H 138 12.82 -30.15 -21.27
C LYS H 138 13.98 -31.10 -21.56
N LEU H 139 14.53 -31.00 -22.76
CA LEU H 139 15.63 -31.87 -23.17
C LEU H 139 16.92 -31.59 -22.43
N THR H 140 17.16 -30.33 -22.09
CA THR H 140 18.38 -29.98 -21.38
C THR H 140 18.32 -30.61 -19.98
N LYS H 141 17.11 -30.72 -19.43
CA LYS H 141 16.92 -31.33 -18.12
C LYS H 141 17.19 -32.84 -18.22
N GLU H 142 16.75 -33.45 -19.32
CA GLU H 142 16.99 -34.88 -19.54
C GLU H 142 18.48 -35.11 -19.72
N MET H 143 19.12 -34.19 -20.44
CA MET H 143 20.54 -34.28 -20.70
C MET H 143 21.29 -34.13 -19.39
N LYS H 144 20.69 -33.43 -18.43
CA LYS H 144 21.29 -33.23 -17.12
C LYS H 144 21.52 -34.60 -16.51
N ILE H 145 20.58 -35.50 -16.75
CA ILE H 145 20.63 -36.87 -16.26
C ILE H 145 21.50 -37.74 -17.19
N LYS H 146 21.10 -37.81 -18.46
CA LYS H 146 21.81 -38.61 -19.44
C LYS H 146 23.34 -38.50 -19.40
N LEU H 147 23.86 -37.32 -19.06
CA LEU H 147 25.30 -37.10 -18.99
C LEU H 147 25.82 -37.32 -17.57
N LYS H 148 25.04 -38.03 -16.76
CA LYS H 148 25.40 -38.28 -15.35
C LYS H 148 26.82 -38.75 -15.07
N GLY H 149 27.29 -39.78 -15.77
CA GLY H 149 28.63 -40.27 -15.51
C GLY H 149 29.62 -40.10 -16.63
N GLN H 150 29.15 -39.51 -17.73
CA GLN H 150 29.98 -39.28 -18.91
C GLN H 150 31.20 -38.38 -18.69
N LYS H 151 32.19 -38.54 -19.57
CA LYS H 151 33.42 -37.75 -19.56
C LYS H 151 33.12 -36.51 -20.41
N LEU H 152 33.11 -35.34 -19.79
CA LEU H 152 32.83 -34.12 -20.51
C LEU H 152 34.05 -33.22 -20.61
N ASP H 153 34.91 -33.50 -21.60
CA ASP H 153 36.08 -32.65 -21.82
C ASP H 153 35.66 -31.65 -22.88
N LEU H 154 35.19 -30.49 -22.42
CA LEU H 154 34.71 -29.46 -23.33
C LEU H 154 35.79 -28.43 -23.65
N ARG H 155 37.04 -28.75 -23.33
CA ARG H 155 38.15 -27.84 -23.56
C ARG H 155 38.26 -27.23 -24.95
N ASP H 156 38.06 -28.05 -25.98
CA ASP H 156 38.16 -27.57 -27.36
C ASP H 156 36.80 -27.18 -27.92
N GLY H 157 35.79 -27.16 -27.06
CA GLY H 157 34.45 -26.80 -27.48
C GLY H 157 33.93 -27.63 -28.63
N GLU H 158 34.30 -28.90 -28.66
CA GLU H 158 33.85 -29.79 -29.73
C GLU H 158 32.92 -30.89 -29.24
N VAL H 159 33.14 -31.37 -28.02
CA VAL H 159 32.33 -32.43 -27.43
C VAL H 159 30.87 -32.05 -27.22
N ALA H 160 30.65 -30.83 -26.75
CA ALA H 160 29.30 -30.34 -26.50
C ALA H 160 28.37 -30.55 -27.68
N ILE H 161 28.81 -30.10 -28.86
CA ILE H 161 28.02 -30.22 -30.08
C ILE H 161 27.74 -31.69 -30.40
N ASN H 162 28.78 -32.51 -30.25
CA ASN H 162 28.65 -33.93 -30.53
C ASN H 162 27.64 -34.59 -29.63
N LYS H 163 27.71 -34.29 -28.33
CA LYS H 163 26.76 -34.87 -27.39
C LYS H 163 25.34 -34.48 -27.78
N VAL H 164 25.13 -33.22 -28.16
CA VAL H 164 23.79 -32.80 -28.55
C VAL H 164 23.32 -33.55 -29.78
N ARG H 165 24.24 -33.78 -30.72
CA ARG H 165 23.91 -34.51 -31.95
C ARG H 165 23.71 -35.99 -31.62
N GLU H 166 24.47 -36.49 -30.63
CA GLU H 166 24.36 -37.88 -30.22
C GLU H 166 23.03 -38.19 -29.55
N LEU H 167 22.63 -37.37 -28.57
CA LEU H 167 21.38 -37.63 -27.86
C LEU H 167 20.12 -37.08 -28.53
N PHE H 168 20.21 -35.99 -29.27
CA PHE H 168 19.03 -35.42 -29.89
C PHE H 168 19.19 -35.04 -31.35
N GLY H 169 20.35 -35.36 -31.91
CA GLY H 169 20.62 -35.04 -33.30
C GLY H 169 19.61 -35.51 -34.33
N SER H 170 18.52 -36.13 -33.88
CA SER H 170 17.51 -36.61 -34.81
C SER H 170 16.19 -35.88 -34.58
N ASP H 171 16.18 -35.02 -33.57
CA ASP H 171 14.98 -34.25 -33.25
C ASP H 171 14.80 -33.15 -34.30
N LYS H 172 13.66 -33.17 -34.99
CA LYS H 172 13.36 -32.18 -36.02
C LYS H 172 13.84 -30.79 -35.66
N ASN H 173 13.48 -30.34 -34.47
CA ASN H 173 13.86 -29.01 -34.03
C ASN H 173 15.37 -28.82 -33.84
N VAL H 174 16.10 -29.89 -33.58
CA VAL H 174 17.55 -29.78 -33.39
C VAL H 174 18.26 -29.67 -34.72
N LYS H 175 17.62 -30.19 -35.77
CA LYS H 175 18.19 -30.14 -37.12
C LYS H 175 17.88 -28.80 -37.76
N GLU H 176 16.60 -28.44 -37.72
CA GLU H 176 16.06 -27.21 -38.30
C GLU H 176 16.41 -25.84 -37.70
N LEU H 177 16.29 -25.73 -36.38
CA LEU H 177 16.54 -24.45 -35.72
C LEU H 177 17.90 -24.32 -35.05
N TRP H 178 18.71 -23.39 -35.54
CA TRP H 178 20.04 -23.15 -34.99
C TRP H 178 19.93 -22.68 -33.53
N TRP H 179 19.03 -21.74 -33.27
CA TRP H 179 18.89 -21.23 -31.91
C TRP H 179 18.53 -22.31 -30.92
N PHE H 180 17.65 -23.22 -31.33
CA PHE H 180 17.21 -24.32 -30.48
C PHE H 180 18.38 -25.24 -30.15
N ARG H 181 19.10 -25.67 -31.18
CA ARG H 181 20.25 -26.53 -31.01
C ARG H 181 21.28 -25.84 -30.11
N SER H 182 21.36 -24.52 -30.23
CA SER H 182 22.32 -23.73 -29.46
C SER H 182 21.97 -23.70 -27.98
N LEU H 183 20.68 -23.70 -27.69
CA LEU H 183 20.19 -23.68 -26.31
C LEU H 183 20.67 -24.96 -25.63
N LEU H 184 20.66 -26.04 -26.40
CA LEU H 184 21.10 -27.34 -25.91
C LEU H 184 22.62 -27.38 -25.81
N VAL H 185 23.30 -26.84 -26.82
CA VAL H 185 24.75 -26.81 -26.79
C VAL H 185 25.16 -25.97 -25.58
N LYS H 186 24.45 -24.86 -25.41
CA LYS H 186 24.69 -23.94 -24.30
C LYS H 186 24.44 -24.71 -23.01
N GLY H 187 23.38 -25.52 -23.04
CA GLY H 187 23.00 -26.32 -21.89
C GLY H 187 24.04 -27.28 -21.35
N VAL H 188 24.76 -27.97 -22.24
CA VAL H 188 25.76 -28.93 -21.78
C VAL H 188 26.91 -28.26 -21.02
N TYR H 189 27.27 -27.05 -21.39
CA TYR H 189 28.34 -26.38 -20.66
C TYR H 189 27.84 -26.06 -19.25
N LEU H 190 26.54 -25.79 -19.13
CA LEU H 190 25.91 -25.49 -17.85
C LEU H 190 25.90 -26.76 -16.99
N ILE H 191 25.45 -27.85 -17.60
CA ILE H 191 25.41 -29.13 -16.91
C ILE H 191 26.78 -29.45 -16.34
N LYS H 192 27.81 -29.27 -17.16
CA LYS H 192 29.20 -29.53 -16.74
C LYS H 192 29.53 -28.73 -15.49
N ARG H 193 29.17 -27.45 -15.51
CA ARG H 193 29.40 -26.56 -14.38
C ARG H 193 28.64 -27.05 -13.16
N TYR H 194 27.43 -27.54 -13.40
CA TYR H 194 26.60 -28.05 -12.32
C TYR H 194 27.32 -29.17 -11.58
N TYR H 195 27.82 -30.13 -12.34
CA TYR H 195 28.53 -31.26 -11.79
C TYR H 195 29.80 -30.90 -11.04
N GLU H 196 30.44 -29.80 -11.43
CA GLU H 196 31.64 -29.36 -10.74
C GLU H 196 31.26 -28.60 -9.48
N GLY H 197 29.98 -28.61 -9.16
CA GLY H 197 29.52 -27.95 -7.95
C GLY H 197 29.24 -26.46 -8.06
N ASP H 198 29.15 -25.93 -9.28
CA ASP H 198 28.86 -24.50 -9.44
C ASP H 198 27.52 -24.26 -8.76
N ILE H 199 27.45 -23.17 -8.00
CA ILE H 199 26.29 -22.79 -7.22
C ILE H 199 25.43 -21.67 -7.83
N GLU H 200 26.10 -20.80 -8.60
CA GLU H 200 25.49 -19.63 -9.24
C GLU H 200 24.52 -19.89 -10.39
N LEU H 201 24.71 -21.01 -11.08
CA LEU H 201 23.88 -21.38 -12.24
C LEU H 201 22.52 -20.71 -12.46
N LYS H 202 21.62 -20.82 -11.49
CA LYS H 202 20.28 -20.24 -11.61
C LYS H 202 20.23 -18.74 -11.90
N THR H 203 21.23 -18.01 -11.42
CA THR H 203 21.27 -16.56 -11.64
C THR H 203 22.02 -16.20 -12.93
N THR H 204 22.50 -17.22 -13.64
CA THR H 204 23.24 -17.02 -14.88
C THR H 204 22.37 -16.50 -16.03
N SER H 205 21.12 -16.98 -16.11
CA SER H 205 20.21 -16.57 -17.19
C SER H 205 18.84 -17.19 -16.98
N ASP H 206 17.83 -16.66 -17.66
CA ASP H 206 16.49 -17.20 -17.51
C ASP H 206 16.48 -18.67 -17.90
N PHE H 207 17.26 -19.00 -18.94
CA PHE H 207 17.34 -20.39 -19.38
C PHE H 207 17.96 -21.26 -18.29
N ALA H 208 19.11 -20.82 -17.77
CA ALA H 208 19.80 -21.56 -16.72
C ALA H 208 18.89 -21.71 -15.50
N LYS H 209 18.10 -20.69 -15.22
CA LYS H 209 17.18 -20.72 -14.10
C LYS H 209 16.08 -21.74 -14.39
N ALA H 210 15.47 -21.64 -15.57
CA ALA H 210 14.41 -22.56 -15.95
C ALA H 210 14.88 -24.01 -15.96
N VAL H 211 16.14 -24.23 -16.31
CA VAL H 211 16.67 -25.58 -16.36
C VAL H 211 17.01 -26.15 -15.00
N PHE H 212 17.78 -25.41 -14.21
CA PHE H 212 18.20 -25.90 -12.91
C PHE H 212 17.27 -25.53 -11.76
N GLU H 213 16.03 -25.22 -12.09
CA GLU H 213 15.03 -24.85 -11.08
C GLU H 213 14.13 -26.06 -10.87
N ASP H 214 14.45 -26.86 -9.86
CA ASP H 214 13.71 -28.07 -9.53
C ASP H 214 13.72 -29.05 -10.72
P PO4 I . 0.73 -4.88 22.20
O1 PO4 I . 0.43 -5.35 23.58
O2 PO4 I . 0.26 -5.89 21.22
O3 PO4 I . 0.02 -3.59 21.97
O4 PO4 I . 2.19 -4.68 22.05
P PO4 J . 4.32 -8.26 21.98
O1 PO4 J . 4.82 -9.00 23.15
O2 PO4 J . 4.08 -9.20 20.85
O3 PO4 J . 3.05 -7.58 22.35
O4 PO4 J . 5.32 -7.25 21.58
P PO4 K . 3.27 2.90 -23.58
O1 PO4 K . 4.38 2.99 -22.60
O2 PO4 K . 3.61 1.89 -24.61
O3 PO4 K . 2.04 2.49 -22.86
O4 PO4 K . 3.06 4.22 -24.22
P PO4 L . 6.66 0.74 -26.74
O1 PO4 L . 8.09 0.40 -26.55
O2 PO4 L . 5.84 -0.50 -26.69
O3 PO4 L . 6.22 1.67 -25.66
O4 PO4 L . 6.46 1.40 -28.05
#